data_6NY2
#
_entry.id   6NY2
#
_cell.length_a   1
_cell.length_b   1
_cell.length_c   1
_cell.angle_alpha   90.00
_cell.angle_beta   90.00
_cell.angle_gamma   90.00
#
_symmetry.space_group_name_H-M   'P 1'
#
loop_
_entity.id
_entity.type
_entity.pdbx_description
1 polymer 'DNA target strand'
2 polymer 'DNA Non-target strand'
3 polymer CasX
4 polymer 'RNA (110-MER)'
#
loop_
_entity_poly.entity_id
_entity_poly.type
_entity_poly.pdbx_seq_one_letter_code
_entity_poly.pdbx_strand_id
1 'polydeoxyribonucleotide'
;(DC)(DA)(DT)(DG)(DT)(DA)(DT)(DC)(DG)(DT)(DT)(DA)(DT)(DA)(DC)(DT)(DT)(DT)(DG)(DA)
(DT)(DT)(DT)(DT)(DC)(DT)(DG)(DC)(DT)(DG)(DC)(DA)(DG)(DG)(DA)(DT)(DG)(DA)(DA)(DA)
(DT)(DC)(DC)(DC)(DG)
;
C
2 'polydeoxyribonucleotide'
;(DC)(DG)(DG)(DG)(DA)(DT)(DT)(DT)(DC)(DA)(DT)(DC)(DC)(DT)(DG)(DC)(DA)(DG)(DC)(DA)
(DT)(DC)(DC)(DC)(DC)(DG)(DA)(DC)(DC)(DC)(DG)(DT)(DA)(DT)(DA)(DA)(DC)(DG)(DA)(DT)
(DA)(DC)(DA)(DT)(DG)
;
D
3 'polypeptide(L)'
;MEKRINKIRKKLSADNATKPVSRSGPMKTLLVRVMTDDLKKRLEKRRKKPEVMPQVISNNAANNLRMLLDDYTKMKEAIL
QVYWQEFKDDHVGLMCKFAQPAS(UNK)(UNK)(UNK)(UNK)(UNK)(UNK)(UNK)(UNK)(UNK)(UNK)(UNK)
(UNK)(UNK)(UNK)(UNK)(UNK)(UNK)(UNK)(UNK)(UNK)(UNK)(UNK)(UNK)(UNK)(UNK)(UNK)(UNK)
(UNK)(UNK)(UNK)(UNK)(UNK)(UNK)(UNK)(UNK)(UNK)(UNK)(UNK)(UNK)(UNK)(UNK)(UNK)(UNK)
(UNK)(UNK)(UNK)(UNK)(UNK)(UNK)(UNK)(UNK)(UNK)(UNK)(UNK)(UNK)(UNK)(UNK)(UNK)(UNK)
(UNK)(UNK)(UNK)(UNK)(UNK)(UNK)(UNK)(UNK)(UNK)(UNK)(UNK)(UNK)(UNK)(UNK)(UNK)(UNK)
(UNK)(UNK)(UNK)(UNK)(UNK)(UNK)(UNK)GKFGQRALDFYSIHVTKESTHPVKPLAQIAGNRYASGPVGKALSD
ACMGTIASFLSKYQDIIIEHQKVVKGNQKRLESLRELAGKENLEYPSVTLPPQPHTKEGVDAYNEVIARVRMWVNLNLWQ
KLKLSRDDAKPLLRLKGFPSFPVVERRENEVDWWNTINEVKKLIDAKRDMGRVFWSGVTAEKRNTILEGYNYLPNENDHK
KREGSLENPKKPAKRQFGDLLLYLEKKYAGDWGKVFDEAWERIDKKIAGLTSHIEREEARNAEDAQSKAVLTDWLRAKAS
FVLERLKEMDEKEFYACEIQLQKWYGDLRGNPFAVEAENRVVDISGFSIGSDGHSIQYRNLLAWKYLENGKREFYLLMNY
GKKGRIRFTDGTDIKKSGKWQGLLYGGGKAKVIDLTFDPDDEQLIILPLAFGTRQGREFIWNDLLSLETGLIKLANGRVI
EKTIYNKKIGRDEPALFVALTFERREVVDPSNIKPVNLIGVARGENIPAVIALTDPEGCPLPEFKDSSGGPTDILRIGEG
YKEKQRAIQAAKEVEQRRAGGYSRKFASKSRNLADDMVRNSARDLFYHAVTHDAVLVFANLSRGFGRQGKRTFMTERQYT
KMEDWLTAKLAYEGLTSKTYLSKTLAQYTSKTCSNCGF(UNK)(UNK)(UNK)(UNK)(UNK)(UNK)(UNK)(UNK)
(UNK)(UNK)(UNK)(UNK)(UNK)(UNK)(UNK)(UNK)(UNK)(UNK)(UNK)(UNK)(UNK)(UNK)(UNK)(UNK)
(UNK)(UNK)(UNK)(UNK)(UNK)(UNK)(UNK)(UNK)(UNK)(UNK)(UNK)(UNK)(UNK)(UNK)(UNK)(UNK)
(UNK)(UNK)(UNK)(UNK)(UNK)(UNK)(UNK)(UNK)(UNK)(UNK)(UNK)(UNK)(UNK)(UNK)(UNK)(UNK)
(UNK)(UNK)(UNK)(UNK)(UNK)(UNK)(UNK)(UNK)(UNK)(UNK)(UNK)(UNK)(UNK)(UNK)(UNK)(UNK)
(UNK)(UNK)(UNK)(UNK)(UNK)(UNK)(UNK)(UNK)(UNK)(UNK)(UNK)(UNK)RFSHRPVQEQFVCLDCGHEV
HAAEQAALNIARSWLFLNSNSTEFKSYKSGKQPFVGAWQAFYKRRLKEVWKPNA
;
Y
4 'polyribonucleotide'
;GGCGCGUUUAUUCCAUUACUUUGGAGCCAGUCCCAGCGACUAUGUCGUAUGGACGAAGCGCUUAUUUAUCGGAGAGAAAC
CGAUAAGUAAAACGCAUCAAAGUCCUGCAGCAGAAAAUCAAA
;
B
#
# COMPACT_ATOMS: atom_id res chain seq x y z
N GLU C 2 -34.08 -5.10 3.50
CA GLU C 2 -33.57 -6.46 3.41
C GLU C 2 -32.12 -6.47 2.95
N LYS C 3 -31.53 -5.28 2.81
CA LYS C 3 -30.25 -5.15 2.12
C LYS C 3 -29.14 -4.61 3.01
N ARG C 4 -29.30 -4.73 4.33
CA ARG C 4 -28.24 -4.35 5.27
C ARG C 4 -27.36 -5.57 5.52
N ILE C 5 -26.19 -5.36 6.12
CA ILE C 5 -25.24 -6.47 6.27
C ILE C 5 -25.60 -7.36 7.46
N ASN C 6 -26.21 -6.82 8.50
CA ASN C 6 -26.49 -7.62 9.69
C ASN C 6 -27.74 -8.46 9.50
N LYS C 7 -28.53 -8.17 8.47
CA LYS C 7 -29.64 -9.04 8.15
C LYS C 7 -29.14 -10.32 7.49
N ILE C 8 -28.05 -10.22 6.74
CA ILE C 8 -27.52 -11.38 6.05
C ILE C 8 -26.85 -12.34 7.03
N ARG C 9 -26.14 -11.79 8.02
CA ARG C 9 -25.53 -12.64 9.02
C ARG C 9 -26.56 -13.31 9.91
N LYS C 10 -27.71 -12.66 10.13
CA LYS C 10 -28.80 -13.31 10.83
C LYS C 10 -29.66 -14.16 9.91
N LYS C 11 -29.41 -14.13 8.60
CA LYS C 11 -29.98 -15.17 7.74
C LYS C 11 -29.10 -16.41 7.72
N LEU C 12 -27.78 -16.22 7.76
CA LEU C 12 -26.87 -17.36 7.82
C LEU C 12 -26.95 -18.04 9.17
N SER C 13 -26.82 -17.30 10.25
CA SER C 13 -26.71 -17.91 11.56
C SER C 13 -28.06 -18.34 12.14
N ALA C 14 -29.14 -18.34 11.35
CA ALA C 14 -30.44 -18.75 11.86
C ALA C 14 -31.17 -19.66 10.88
N ASP C 15 -30.43 -20.40 10.05
CA ASP C 15 -31.04 -21.48 9.27
C ASP C 15 -30.29 -22.80 9.29
N ASN C 16 -29.08 -22.85 9.86
CA ASN C 16 -28.35 -24.09 10.04
C ASN C 16 -27.63 -24.04 11.37
N ALA C 17 -26.95 -25.14 11.72
CA ALA C 17 -26.39 -25.30 13.05
C ALA C 17 -25.09 -24.54 13.20
N THR C 18 -24.54 -24.58 14.41
CA THR C 18 -23.29 -23.92 14.75
C THR C 18 -22.33 -24.91 15.39
N LYS C 19 -21.06 -24.55 15.41
CA LYS C 19 -20.03 -25.41 15.95
C LYS C 19 -18.91 -24.54 16.50
N PRO C 20 -18.23 -24.99 17.56
CA PRO C 20 -17.09 -24.23 18.07
C PRO C 20 -15.90 -24.30 17.11
N VAL C 21 -14.97 -23.37 17.31
CA VAL C 21 -13.75 -23.32 16.52
C VAL C 21 -12.80 -24.41 16.98
N SER C 22 -11.75 -24.68 16.20
CA SER C 22 -10.82 -25.75 16.53
C SER C 22 -9.65 -25.26 17.38
N ARG C 23 -8.82 -24.37 16.83
CA ARG C 23 -7.67 -23.87 17.56
C ARG C 23 -7.71 -22.37 17.75
N SER C 24 -7.86 -21.61 16.67
CA SER C 24 -7.98 -20.16 16.73
C SER C 24 -9.33 -19.78 16.15
N GLY C 25 -9.56 -18.49 16.00
CA GLY C 25 -10.81 -18.01 15.47
C GLY C 25 -10.66 -16.76 14.64
N PRO C 26 -11.77 -16.27 14.10
CA PRO C 26 -11.73 -15.01 13.37
C PRO C 26 -11.65 -13.81 14.30
N MET C 27 -10.84 -12.84 13.92
CA MET C 27 -10.56 -11.67 14.74
C MET C 27 -11.27 -10.45 14.17
N LYS C 28 -11.90 -9.68 15.05
CA LYS C 28 -12.38 -8.34 14.75
C LYS C 28 -11.74 -7.37 15.74
N THR C 29 -11.85 -6.07 15.48
CA THR C 29 -11.34 -5.09 16.45
C THR C 29 -12.36 -3.99 16.63
N LEU C 30 -12.47 -3.50 17.85
CA LEU C 30 -13.07 -2.19 18.07
C LEU C 30 -12.08 -1.11 17.68
N LEU C 31 -12.60 0.10 17.53
CA LEU C 31 -11.78 1.31 17.58
C LEU C 31 -12.64 2.35 18.29
N VAL C 32 -12.61 2.32 19.60
CA VAL C 32 -13.35 3.28 20.37
C VAL C 32 -12.43 4.44 20.71
N ARG C 33 -13.03 5.61 20.88
CA ARG C 33 -12.30 6.80 21.25
C ARG C 33 -12.54 7.08 22.73
N VAL C 34 -11.56 7.70 23.35
CA VAL C 34 -11.63 7.99 24.78
C VAL C 34 -12.29 9.36 24.96
N MET C 35 -13.25 9.44 25.87
CA MET C 35 -14.04 10.65 26.07
C MET C 35 -13.20 11.72 26.75
N THR C 36 -12.45 12.53 26.00
CA THR C 36 -11.56 13.41 26.74
C THR C 36 -12.24 14.67 27.23
N ASP C 37 -12.40 15.67 26.36
CA ASP C 37 -13.13 16.86 26.76
C ASP C 37 -13.99 17.36 25.62
N ASP C 38 -13.42 17.32 24.42
CA ASP C 38 -14.13 17.80 23.23
C ASP C 38 -15.24 16.87 22.83
N LEU C 39 -15.19 15.61 23.23
CA LEU C 39 -16.34 14.73 23.06
C LEU C 39 -17.49 15.10 23.98
N LYS C 40 -17.21 15.81 25.08
CA LYS C 40 -18.28 16.32 25.91
C LYS C 40 -18.71 17.71 25.49
N LYS C 41 -17.81 18.49 24.89
CA LYS C 41 -18.22 19.74 24.25
C LYS C 41 -19.12 19.47 23.07
N ARG C 42 -18.90 18.36 22.36
CA ARG C 42 -19.80 17.93 21.31
C ARG C 42 -21.16 17.51 21.85
N LEU C 43 -21.25 17.14 23.13
CA LEU C 43 -22.52 16.74 23.70
C LEU C 43 -23.31 17.89 24.27
N GLU C 44 -22.65 18.90 24.82
CA GLU C 44 -23.36 20.08 25.32
C GLU C 44 -23.46 21.16 24.26
N LYS C 45 -23.85 20.74 23.06
CA LYS C 45 -24.01 21.63 21.92
C LYS C 45 -25.22 21.25 21.08
N ARG C 46 -26.00 20.29 21.53
CA ARG C 46 -27.01 19.65 20.70
C ARG C 46 -28.38 20.29 20.93
N ARG C 47 -29.39 19.74 20.27
CA ARG C 47 -30.76 20.21 20.45
C ARG C 47 -31.40 19.49 21.63
N LYS C 48 -31.50 18.17 21.55
CA LYS C 48 -31.82 17.39 22.74
C LYS C 48 -30.53 17.09 23.48
N LYS C 49 -30.62 17.00 24.79
CA LYS C 49 -29.42 16.87 25.60
C LYS C 49 -29.48 15.61 26.45
N PRO C 50 -28.33 15.01 26.76
CA PRO C 50 -28.34 13.76 27.53
C PRO C 50 -28.79 13.97 28.97
N GLU C 51 -29.33 12.91 29.55
CA GLU C 51 -29.68 12.94 30.96
C GLU C 51 -28.45 12.96 31.84
N VAL C 52 -27.53 12.02 31.62
CA VAL C 52 -26.31 11.91 32.40
C VAL C 52 -25.15 12.27 31.49
N MET C 53 -24.53 13.40 31.73
CA MET C 53 -23.35 13.80 30.99
C MET C 53 -22.19 12.91 31.42
N PRO C 54 -21.71 12.00 30.56
CA PRO C 54 -21.09 10.74 31.05
C PRO C 54 -19.83 10.85 31.88
N GLN C 55 -18.69 11.23 31.29
CA GLN C 55 -17.41 11.18 31.98
C GLN C 55 -16.40 11.95 31.14
N VAL C 56 -15.19 12.07 31.69
CA VAL C 56 -14.09 12.88 31.17
C VAL C 56 -12.81 12.22 31.67
N ILE C 57 -11.77 12.23 30.83
CA ILE C 57 -10.42 11.87 31.28
C ILE C 57 -10.01 12.81 32.39
N SER C 58 -9.65 12.23 33.55
CA SER C 58 -9.65 12.95 34.81
C SER C 58 -8.35 13.69 35.09
N ASN C 59 -7.61 14.05 34.04
CA ASN C 59 -6.47 14.98 34.05
C ASN C 59 -5.25 14.45 34.79
N ASN C 60 -5.36 13.29 35.42
CA ASN C 60 -4.24 12.54 35.96
C ASN C 60 -3.98 11.28 35.18
N ALA C 61 -5.05 10.64 34.69
CA ALA C 61 -4.90 9.53 33.77
C ALA C 61 -4.22 9.96 32.49
N ALA C 62 -4.45 11.19 32.03
CA ALA C 62 -3.76 11.69 30.85
C ALA C 62 -2.28 11.90 31.12
N ASN C 63 -1.91 12.31 32.33
CA ASN C 63 -0.50 12.53 32.62
C ASN C 63 0.26 11.22 32.71
N ASN C 64 -0.32 10.21 33.36
CA ASN C 64 0.35 8.91 33.39
C ASN C 64 0.29 8.22 32.04
N LEU C 65 -0.70 8.53 31.20
CA LEU C 65 -0.66 8.03 29.82
C LEU C 65 0.48 8.66 29.04
N ARG C 66 0.74 9.95 29.25
CA ARG C 66 1.89 10.59 28.63
C ARG C 66 3.18 9.94 29.08
N MET C 67 3.30 9.68 30.39
CA MET C 67 4.47 9.00 30.93
C MET C 67 4.63 7.60 30.35
N LEU C 68 3.52 6.86 30.25
CA LEU C 68 3.55 5.48 29.80
C LEU C 68 3.91 5.39 28.33
N LEU C 69 3.28 6.20 27.48
CA LEU C 69 3.56 6.14 26.05
C LEU C 69 4.97 6.64 25.74
N ASP C 70 5.43 7.67 26.47
CA ASP C 70 6.77 8.18 26.20
C ASP C 70 7.84 7.18 26.64
N ASP C 71 7.67 6.58 27.82
CA ASP C 71 8.59 5.55 28.28
C ASP C 71 8.56 4.34 27.37
N TYR C 72 7.39 4.00 26.83
CA TYR C 72 7.25 2.84 25.97
C TYR C 72 7.99 3.03 24.66
N THR C 73 7.84 4.19 24.02
CA THR C 73 8.57 4.41 22.78
C THR C 73 10.06 4.56 23.00
N LYS C 74 10.47 5.07 24.17
CA LYS C 74 11.90 5.11 24.47
C LYS C 74 12.48 3.71 24.64
N MET C 75 11.74 2.82 25.30
CA MET C 75 12.20 1.45 25.50
C MET C 75 12.25 0.69 24.18
N LYS C 76 11.27 0.94 23.30
CA LYS C 76 11.26 0.33 21.98
C LYS C 76 12.47 0.77 21.17
N GLU C 77 12.79 2.07 21.19
CA GLU C 77 13.95 2.55 20.45
C GLU C 77 15.25 2.00 21.01
N ALA C 78 15.34 1.80 22.33
CA ALA C 78 16.56 1.26 22.91
C ALA C 78 16.78 -0.20 22.51
N ILE C 79 15.71 -1.01 22.57
CA ILE C 79 15.81 -2.42 22.19
C ILE C 79 16.14 -2.57 20.71
N LEU C 80 15.48 -1.77 19.86
CA LEU C 80 15.76 -1.88 18.44
C LEU C 80 17.14 -1.35 18.10
N GLN C 81 17.67 -0.42 18.89
CA GLN C 81 19.04 0.03 18.61
C GLN C 81 20.07 -1.03 18.99
N VAL C 82 19.83 -1.74 20.10
CA VAL C 82 20.83 -2.76 20.46
C VAL C 82 20.73 -3.96 19.53
N TYR C 83 19.55 -4.27 19.01
CA TYR C 83 19.53 -5.36 18.05
C TYR C 83 19.93 -4.92 16.64
N TRP C 84 19.88 -3.63 16.34
CA TRP C 84 20.52 -3.14 15.13
C TRP C 84 22.03 -3.28 15.22
N GLN C 85 22.60 -2.97 16.38
CA GLN C 85 24.04 -3.16 16.54
C GLN C 85 24.43 -4.63 16.54
N GLU C 86 23.51 -5.50 16.95
CA GLU C 86 23.74 -6.94 16.77
C GLU C 86 23.68 -7.33 15.29
N PHE C 87 22.74 -6.74 14.56
CA PHE C 87 22.51 -7.13 13.17
C PHE C 87 23.63 -6.69 12.25
N LYS C 88 24.21 -5.52 12.52
CA LYS C 88 25.30 -5.04 11.67
C LYS C 88 26.59 -5.80 11.90
N ASP C 89 26.71 -6.55 13.00
CA ASP C 89 27.93 -7.29 13.25
C ASP C 89 27.89 -8.69 12.68
N ASP C 90 26.72 -9.32 12.63
CA ASP C 90 26.60 -10.69 12.14
C ASP C 90 25.17 -10.91 11.67
N HIS C 91 24.99 -11.03 10.35
CA HIS C 91 23.66 -11.23 9.80
C HIS C 91 23.12 -12.60 10.16
N VAL C 92 23.91 -13.64 9.90
CA VAL C 92 23.44 -15.00 10.06
C VAL C 92 23.35 -15.38 11.53
N GLY C 93 24.07 -14.69 12.42
CA GLY C 93 23.93 -14.95 13.84
C GLY C 93 22.58 -14.53 14.36
N LEU C 94 22.16 -13.30 14.05
CA LEU C 94 20.83 -12.85 14.44
C LEU C 94 19.75 -13.59 13.69
N MET C 95 20.02 -14.02 12.46
CA MET C 95 19.02 -14.81 11.74
C MET C 95 18.85 -16.20 12.36
N CYS C 96 19.93 -16.77 12.88
CA CYS C 96 19.83 -18.06 13.56
C CYS C 96 19.22 -17.91 14.94
N LYS C 97 19.39 -16.74 15.55
CA LYS C 97 18.78 -16.47 16.86
C LYS C 97 17.27 -16.46 16.77
N PHE C 98 16.73 -15.82 15.75
CA PHE C 98 15.28 -15.69 15.58
C PHE C 98 14.71 -16.81 14.72
N ALA C 99 15.05 -18.07 14.93
CA ALA C 99 14.65 -18.97 13.87
C ALA C 99 13.27 -19.55 14.13
N GLN C 100 13.17 -20.52 15.04
CA GLN C 100 12.06 -21.01 15.86
C GLN C 100 12.54 -22.25 16.60
N PRO C 101 11.79 -22.76 17.56
CA PRO C 101 11.81 -24.20 17.84
C PRO C 101 10.85 -24.88 16.87
N ALA C 102 11.00 -26.20 16.76
CA ALA C 102 10.19 -26.91 15.77
C ALA C 102 8.77 -27.14 16.29
N SER C 103 8.65 -27.99 17.31
CA SER C 103 7.37 -28.41 17.93
C SER C 103 7.67 -29.40 19.05
N UNK C 104 6.83 -30.42 19.12
CA UNK C 104 7.10 -31.61 19.91
C UNK C 104 7.06 -32.81 18.98
N UNK C 105 8.09 -32.93 18.13
CA UNK C 105 8.10 -33.91 17.05
C UNK C 105 8.58 -35.28 17.52
N UNK C 106 9.44 -35.92 16.73
CA UNK C 106 9.93 -37.26 17.05
C UNK C 106 11.30 -37.55 16.48
N UNK C 107 11.63 -38.83 16.39
CA UNK C 107 12.89 -39.28 15.79
C UNK C 107 12.74 -39.36 14.28
N UNK C 108 12.95 -38.23 13.61
CA UNK C 108 12.73 -38.11 12.18
C UNK C 108 13.84 -38.75 11.36
N UNK C 109 13.80 -38.54 10.04
CA UNK C 109 14.74 -39.18 9.13
C UNK C 109 16.07 -38.42 9.09
N UNK C 110 16.90 -38.78 8.13
CA UNK C 110 18.21 -38.15 8.03
C UNK C 110 18.59 -37.85 6.60
N UNK C 111 19.48 -36.88 6.43
CA UNK C 111 20.07 -36.54 5.15
C UNK C 111 21.38 -35.78 5.41
N UNK C 112 22.35 -36.46 5.98
CA UNK C 112 23.65 -35.85 6.23
C UNK C 112 24.53 -36.01 5.00
N UNK C 113 24.55 -37.21 4.44
CA UNK C 113 25.27 -37.46 3.21
C UNK C 113 24.54 -36.84 2.04
N UNK C 114 25.32 -36.24 1.13
CA UNK C 114 24.84 -35.53 -0.07
C UNK C 114 23.83 -34.41 0.23
N UNK C 115 23.91 -33.83 1.42
CA UNK C 115 23.06 -32.71 1.84
C UNK C 115 23.65 -32.05 3.08
N UNK C 116 24.23 -30.85 2.91
CA UNK C 116 24.79 -30.11 4.04
C UNK C 116 23.79 -29.07 4.52
N UNK C 117 24.06 -27.81 4.21
CA UNK C 117 23.15 -26.71 4.50
C UNK C 117 23.49 -25.53 3.60
N UNK C 118 23.19 -24.32 4.07
CA UNK C 118 23.64 -23.11 3.40
C UNK C 118 24.63 -22.40 4.31
N UNK C 119 24.27 -22.30 5.59
CA UNK C 119 25.15 -21.73 6.60
C UNK C 119 24.78 -22.28 7.98
N UNK C 123 23.06 -27.33 9.83
CA UNK C 123 24.27 -27.87 9.24
C UNK C 123 24.10 -29.34 8.96
N UNK C 124 22.89 -29.83 9.16
CA UNK C 124 22.56 -31.21 8.89
C UNK C 124 21.11 -31.27 8.48
N UNK C 125 20.84 -30.86 7.23
CA UNK C 125 19.49 -30.71 6.71
C UNK C 125 18.74 -32.02 6.67
N UNK C 126 18.07 -32.36 7.77
CA UNK C 126 17.35 -33.63 7.88
C UNK C 126 16.04 -33.60 7.13
N UNK C 127 15.15 -34.53 7.46
CA UNK C 127 13.87 -34.63 6.78
C UNK C 127 12.84 -35.33 7.65
N UNK C 128 11.57 -35.09 7.36
CA UNK C 128 10.48 -35.82 7.98
C UNK C 128 9.26 -35.78 7.09
N UNK C 129 8.62 -36.93 6.94
CA UNK C 129 7.35 -37.00 6.23
C UNK C 129 6.24 -36.70 7.23
N UNK C 130 6.06 -35.41 7.54
CA UNK C 130 5.21 -34.95 8.63
C UNK C 130 3.72 -35.27 8.43
N UNK C 131 3.01 -34.37 7.76
CA UNK C 131 1.59 -34.58 7.50
C UNK C 131 1.40 -35.59 6.38
N UNK C 132 0.62 -36.63 6.66
CA UNK C 132 0.38 -37.67 5.67
C UNK C 132 -0.99 -37.48 5.01
N UNK C 133 -1.54 -36.28 5.16
CA UNK C 133 -2.82 -35.94 4.55
C UNK C 133 -2.66 -35.79 3.04
N UNK C 134 -1.91 -34.78 2.62
CA UNK C 134 -1.68 -34.54 1.20
C UNK C 134 -0.34 -33.86 0.93
N UNK C 135 0.37 -33.50 1.99
CA UNK C 135 1.67 -32.84 1.83
C UNK C 135 2.60 -33.13 3.01
N UNK C 136 3.72 -33.76 2.69
CA UNK C 136 4.73 -34.10 3.68
C UNK C 136 6.06 -33.46 3.32
N UNK C 137 7.14 -34.22 3.50
CA UNK C 137 8.51 -33.86 3.13
C UNK C 137 8.99 -32.55 3.72
N UNK C 138 8.64 -32.28 4.97
CA UNK C 138 9.13 -31.09 5.66
C UNK C 138 10.57 -31.33 6.06
N UNK C 139 11.47 -30.43 5.65
CA UNK C 139 12.90 -30.66 5.84
C UNK C 139 13.30 -30.51 7.31
N UNK C 140 13.08 -29.35 7.93
CA UNK C 140 13.26 -29.14 9.37
C UNK C 140 14.65 -29.48 9.91
N UNK C 141 15.64 -28.64 9.59
CA UNK C 141 17.03 -28.87 9.96
C UNK C 141 17.28 -28.79 11.46
N UNK C 142 18.46 -29.23 11.90
CA UNK C 142 18.81 -29.22 13.31
C UNK C 142 20.32 -29.20 13.50
N UNK C 143 20.79 -29.93 14.52
CA UNK C 143 22.22 -29.96 14.82
C UNK C 143 22.63 -31.31 15.42
N UNK C 147 16.94 -27.63 19.74
CA UNK C 147 16.57 -26.52 18.89
C UNK C 147 16.61 -26.92 17.42
N UNK C 148 15.48 -27.37 16.89
CA UNK C 148 15.41 -27.77 15.49
C UNK C 148 14.82 -26.65 14.64
N UNK C 149 15.70 -25.85 14.03
CA UNK C 149 15.30 -24.74 13.18
C UNK C 149 14.61 -25.23 11.93
N UNK C 150 13.33 -24.92 11.76
CA UNK C 150 12.53 -25.47 10.69
C UNK C 150 12.88 -24.94 9.30
N UNK C 151 14.07 -25.29 8.81
CA UNK C 151 14.52 -24.90 7.49
C UNK C 151 13.71 -25.63 6.45
N UNK C 152 13.11 -24.91 5.53
CA UNK C 152 12.31 -25.51 4.48
C UNK C 152 12.31 -24.61 3.26
N UNK C 153 13.07 -24.99 2.25
CA UNK C 153 13.24 -24.15 1.06
C UNK C 153 13.70 -24.95 -0.14
N UNK C 154 14.82 -24.49 -0.74
CA UNK C 154 15.42 -25.03 -1.96
C UNK C 154 14.43 -25.08 -3.12
N UNK C 155 14.45 -24.03 -3.94
CA UNK C 155 13.51 -23.90 -5.05
C UNK C 155 14.05 -24.50 -6.34
N UNK C 156 15.02 -25.42 -6.21
CA UNK C 156 15.65 -26.15 -7.31
C UNK C 156 16.25 -25.24 -8.38
N UNK C 157 15.52 -25.07 -9.47
CA UNK C 157 15.89 -24.26 -10.65
C UNK C 157 17.25 -24.67 -11.25
N UNK C 177 18.34 -24.31 -10.59
CA UNK C 177 19.67 -24.68 -11.05
C UNK C 177 20.40 -25.50 -9.99
N UNK C 178 20.05 -25.25 -8.72
CA UNK C 178 20.64 -25.97 -7.60
C UNK C 178 19.68 -25.96 -6.40
N UNK C 179 19.27 -27.13 -5.94
CA UNK C 179 18.35 -27.22 -4.81
C UNK C 179 19.07 -26.97 -3.48
N UNK C 180 19.34 -25.71 -3.18
CA UNK C 180 20.02 -25.34 -1.95
C UNK C 180 19.03 -24.78 -0.93
N UNK C 181 18.90 -25.46 0.21
CA UNK C 181 17.96 -25.08 1.25
C UNK C 181 18.42 -23.81 1.95
N UNK C 182 17.47 -23.04 2.49
CA UNK C 182 17.79 -21.80 3.19
C UNK C 182 18.44 -22.11 4.53
N UNK C 183 19.44 -21.32 4.92
CA UNK C 183 20.17 -21.55 6.18
C UNK C 183 19.25 -21.32 7.38
N UNK C 184 18.72 -20.11 7.49
CA UNK C 184 17.71 -19.81 8.50
C UNK C 184 16.37 -20.31 7.99
N UNK C 185 15.40 -20.39 8.88
CA UNK C 185 14.18 -21.15 8.63
C UNK C 185 13.25 -20.55 7.60
N GLY C 186 12.13 -21.24 7.39
CA GLY C 186 11.13 -20.81 6.46
C GLY C 186 10.26 -19.76 7.08
N LYS C 187 10.19 -19.76 8.41
CA LYS C 187 9.42 -18.80 9.17
C LYS C 187 10.25 -18.31 10.34
N PHE C 188 10.59 -17.03 10.34
CA PHE C 188 11.14 -16.39 11.52
C PHE C 188 10.01 -16.19 12.53
N GLY C 189 10.37 -16.14 13.81
CA GLY C 189 9.39 -16.25 14.87
C GLY C 189 9.41 -15.08 15.82
N GLN C 190 8.31 -14.95 16.55
CA GLN C 190 8.21 -13.92 17.58
C GLN C 190 8.93 -14.33 18.85
N ARG C 191 8.48 -15.42 19.47
CA ARG C 191 8.95 -15.83 20.78
C ARG C 191 10.13 -16.79 20.70
N ALA C 192 10.98 -16.65 19.68
CA ALA C 192 12.11 -17.55 19.56
C ALA C 192 13.26 -17.13 20.47
N LEU C 193 13.37 -15.83 20.74
CA LEU C 193 14.58 -15.33 21.38
C LEU C 193 14.60 -15.51 22.90
N ASP C 194 13.45 -15.75 23.54
CA ASP C 194 13.28 -15.71 25.00
C ASP C 194 13.77 -14.37 25.54
N PHE C 195 13.03 -13.32 25.18
CA PHE C 195 13.34 -11.96 25.57
C PHE C 195 13.28 -11.76 27.08
N TYR C 196 12.43 -12.51 27.77
CA TYR C 196 12.33 -12.44 29.23
C TYR C 196 13.27 -13.48 29.85
N SER C 197 14.51 -13.48 29.37
CA SER C 197 15.62 -14.11 30.06
C SER C 197 16.74 -13.10 29.93
N ILE C 198 16.49 -12.15 29.06
CA ILE C 198 17.35 -11.02 28.78
C ILE C 198 16.56 -9.81 29.24
N HIS C 199 16.94 -8.63 28.79
CA HIS C 199 17.00 -7.29 29.41
C HIS C 199 16.07 -7.12 30.62
N VAL C 200 14.81 -7.54 30.53
CA VAL C 200 13.81 -7.21 31.56
C VAL C 200 14.04 -7.84 32.93
N THR C 201 14.65 -9.02 32.99
CA THR C 201 14.84 -9.67 34.28
C THR C 201 16.02 -9.06 35.03
N LYS C 202 15.98 -9.15 36.37
CA LYS C 202 16.96 -8.49 37.23
C LYS C 202 18.35 -9.10 37.14
N GLU C 203 18.44 -10.35 36.73
CA GLU C 203 19.69 -11.05 36.46
C GLU C 203 20.15 -10.71 35.05
N SER C 204 21.04 -11.54 34.48
CA SER C 204 21.40 -11.50 33.07
C SER C 204 22.07 -10.20 32.67
N THR C 205 23.37 -10.08 32.97
CA THR C 205 24.11 -8.83 33.00
C THR C 205 24.36 -8.20 31.62
N HIS C 206 23.55 -8.52 30.62
CA HIS C 206 23.45 -7.69 29.41
C HIS C 206 23.23 -6.23 29.81
N PRO C 207 24.03 -5.31 29.29
CA PRO C 207 24.10 -3.95 29.86
C PRO C 207 22.94 -3.03 29.51
N VAL C 208 22.01 -3.44 28.65
CA VAL C 208 20.90 -2.60 28.25
C VAL C 208 19.64 -3.20 28.87
N LYS C 209 19.06 -2.50 29.84
CA LYS C 209 17.85 -2.95 30.53
C LYS C 209 16.81 -1.84 30.49
N PRO C 210 15.84 -1.91 29.60
CA PRO C 210 14.86 -0.83 29.44
C PRO C 210 13.95 -0.60 30.64
N LEU C 211 13.52 -1.67 31.30
CA LEU C 211 12.65 -1.52 32.46
C LEU C 211 13.41 -0.92 33.63
N ALA C 212 14.73 -1.07 33.65
CA ALA C 212 15.52 -0.51 34.75
C ALA C 212 16.07 0.86 34.39
N GLN C 213 16.77 0.97 33.27
CA GLN C 213 17.54 2.18 32.99
C GLN C 213 16.66 3.31 32.48
N ILE C 214 15.74 3.01 31.57
CA ILE C 214 14.95 4.02 30.89
C ILE C 214 13.63 4.30 31.60
N ALA C 215 12.87 3.25 31.89
CA ALA C 215 11.58 3.44 32.56
C ALA C 215 11.70 3.76 34.04
N GLY C 216 12.92 3.80 34.59
CA GLY C 216 13.13 4.27 35.93
C GLY C 216 12.64 3.37 37.03
N ASN C 217 12.41 2.09 36.73
CA ASN C 217 12.03 1.05 37.68
C ASN C 217 10.69 1.34 38.35
N ARG C 218 9.78 2.03 37.66
CA ARG C 218 8.48 2.37 38.23
C ARG C 218 7.33 1.69 37.53
N TYR C 219 7.59 1.02 36.41
CA TYR C 219 6.57 0.20 35.76
C TYR C 219 6.83 -1.26 36.11
N ALA C 220 5.74 -2.01 36.23
CA ALA C 220 5.83 -3.40 36.67
C ALA C 220 6.52 -4.23 35.61
N SER C 221 7.45 -5.07 36.02
CA SER C 221 8.23 -5.88 35.08
C SER C 221 7.52 -7.14 34.66
N GLY C 222 6.21 -7.17 34.79
CA GLY C 222 5.37 -8.24 34.32
C GLY C 222 4.81 -7.85 32.98
N PRO C 223 3.65 -7.19 32.98
CA PRO C 223 2.98 -6.84 31.72
C PRO C 223 3.76 -5.92 30.81
N VAL C 224 4.53 -4.97 31.35
CA VAL C 224 5.31 -4.06 30.52
C VAL C 224 6.37 -4.82 29.76
N GLY C 225 7.12 -5.67 30.47
CA GLY C 225 8.21 -6.40 29.84
C GLY C 225 7.72 -7.41 28.81
N LYS C 226 6.58 -8.06 29.09
CA LYS C 226 6.10 -9.06 28.16
C LYS C 226 5.43 -8.44 26.94
N ALA C 227 4.71 -7.33 27.12
CA ALA C 227 4.13 -6.66 25.96
C ALA C 227 5.20 -6.00 25.10
N LEU C 228 6.22 -5.41 25.74
CA LEU C 228 7.33 -4.83 25.01
C LEU C 228 8.13 -5.90 24.28
N SER C 229 8.30 -7.07 24.92
CA SER C 229 8.81 -8.27 24.27
C SER C 229 8.06 -8.62 23.00
N ASP C 230 6.73 -8.73 23.11
CA ASP C 230 5.92 -9.15 21.97
C ASP C 230 6.04 -8.16 20.81
N ALA C 231 6.02 -6.86 21.13
CA ALA C 231 6.10 -5.84 20.09
C ALA C 231 7.46 -5.82 19.40
N CYS C 232 8.55 -5.77 20.18
CA CYS C 232 9.87 -5.66 19.58
C CYS C 232 10.26 -6.93 18.83
N MET C 233 9.92 -8.10 19.37
CA MET C 233 10.30 -9.33 18.69
C MET C 233 9.46 -9.56 17.45
N GLY C 234 8.18 -9.16 17.45
CA GLY C 234 7.40 -9.22 16.22
C GLY C 234 7.95 -8.30 15.15
N THR C 235 8.45 -7.13 15.54
CA THR C 235 8.99 -6.20 14.57
C THR C 235 10.29 -6.71 13.94
N ILE C 236 11.22 -7.20 14.75
CA ILE C 236 12.46 -7.72 14.15
C ILE C 236 12.23 -9.04 13.43
N ALA C 237 11.22 -9.81 13.82
CA ALA C 237 10.87 -11.00 13.05
C ALA C 237 10.34 -10.63 11.68
N SER C 238 9.53 -9.58 11.59
CA SER C 238 9.06 -9.13 10.28
C SER C 238 10.20 -8.62 9.41
N PHE C 239 11.15 -7.90 10.01
CA PHE C 239 12.29 -7.41 9.23
C PHE C 239 13.14 -8.54 8.70
N LEU C 240 13.43 -9.55 9.52
CA LEU C 240 14.26 -10.65 9.06
C LEU C 240 13.54 -11.50 8.03
N SER C 241 12.23 -11.71 8.21
CA SER C 241 11.45 -12.47 7.26
C SER C 241 11.32 -11.78 5.93
N LYS C 242 11.46 -10.45 5.89
CA LYS C 242 11.55 -9.79 4.59
C LYS C 242 12.97 -9.82 4.05
N TYR C 243 13.97 -9.74 4.92
CA TYR C 243 15.36 -9.61 4.50
C TYR C 243 15.87 -10.86 3.83
N GLN C 244 15.41 -12.03 4.29
CA GLN C 244 15.84 -13.29 3.67
C GLN C 244 15.37 -13.39 2.22
N ASP C 245 14.09 -13.11 1.98
CA ASP C 245 13.53 -13.16 0.64
C ASP C 245 14.15 -12.10 -0.27
N ILE C 246 14.47 -10.94 0.28
CA ILE C 246 15.08 -9.92 -0.54
C ILE C 246 16.51 -10.26 -0.91
N ILE C 247 17.24 -10.95 -0.03
CA ILE C 247 18.59 -11.41 -0.37
C ILE C 247 18.53 -12.46 -1.49
N ILE C 248 17.52 -13.34 -1.43
CA ILE C 248 17.33 -14.35 -2.48
C ILE C 248 17.02 -13.71 -3.84
N GLU C 249 16.06 -12.76 -3.85
CA GLU C 249 15.67 -12.16 -5.11
C GLU C 249 16.73 -11.22 -5.67
N HIS C 250 17.54 -10.60 -4.81
CA HIS C 250 18.66 -9.84 -5.36
C HIS C 250 19.76 -10.74 -5.87
N GLN C 251 19.89 -11.96 -5.33
CA GLN C 251 20.82 -12.92 -5.95
C GLN C 251 20.38 -13.26 -7.37
N LYS C 252 19.08 -13.48 -7.56
CA LYS C 252 18.58 -13.75 -8.91
C LYS C 252 18.73 -12.55 -9.84
N VAL C 253 18.51 -11.33 -9.33
CA VAL C 253 18.57 -10.15 -10.17
C VAL C 253 20.02 -9.82 -10.54
N VAL C 254 20.97 -10.04 -9.62
CA VAL C 254 22.38 -9.79 -9.97
C VAL C 254 22.90 -10.87 -10.92
N LYS C 255 22.36 -12.09 -10.84
CA LYS C 255 22.70 -13.09 -11.86
C LYS C 255 22.20 -12.66 -13.24
N GLY C 256 20.95 -12.20 -13.32
CA GLY C 256 20.42 -11.71 -14.59
C GLY C 256 21.12 -10.47 -15.10
N ASN C 257 21.58 -9.61 -14.20
CA ASN C 257 22.28 -8.39 -14.60
C ASN C 257 23.69 -8.66 -15.05
N GLN C 258 24.34 -9.69 -14.50
CA GLN C 258 25.61 -10.12 -15.07
C GLN C 258 25.38 -10.78 -16.43
N LYS C 259 24.21 -11.39 -16.63
CA LYS C 259 23.86 -11.92 -17.94
C LYS C 259 23.49 -10.84 -18.95
N ARG C 260 23.28 -9.60 -18.54
CA ARG C 260 22.85 -8.53 -19.43
C ARG C 260 23.93 -7.48 -19.64
N LEU C 261 25.18 -7.89 -19.76
CA LEU C 261 26.25 -7.02 -20.21
C LEU C 261 26.62 -7.32 -21.66
N GLU C 262 25.62 -7.60 -22.48
CA GLU C 262 25.75 -7.51 -23.92
C GLU C 262 25.53 -6.11 -24.44
N SER C 263 25.38 -5.13 -23.54
CA SER C 263 25.46 -3.74 -23.96
C SER C 263 26.87 -3.41 -24.45
N LEU C 264 27.88 -4.03 -23.85
CA LEU C 264 29.23 -3.92 -24.38
C LEU C 264 29.37 -4.67 -25.70
N ARG C 265 28.55 -5.71 -25.90
CA ARG C 265 28.58 -6.44 -27.16
C ARG C 265 27.99 -5.63 -28.30
N GLU C 266 26.93 -4.86 -28.02
CA GLU C 266 26.26 -4.11 -29.09
C GLU C 266 27.08 -2.92 -29.54
N LEU C 267 27.71 -2.21 -28.60
CA LEU C 267 28.49 -1.03 -28.97
C LEU C 267 29.73 -1.39 -29.79
N ALA C 268 30.31 -2.56 -29.53
CA ALA C 268 31.33 -3.08 -30.44
C ALA C 268 30.69 -3.66 -31.70
N GLY C 269 29.47 -4.15 -31.58
CA GLY C 269 28.77 -4.68 -32.74
C GLY C 269 28.32 -3.62 -33.72
N LYS C 270 28.07 -2.40 -33.23
CA LYS C 270 27.73 -1.29 -34.11
C LYS C 270 28.87 -0.30 -34.30
N GLU C 271 29.96 -0.43 -33.51
CA GLU C 271 31.25 0.25 -33.67
C GLU C 271 31.16 1.76 -33.38
N ASN C 272 29.96 2.25 -33.06
CA ASN C 272 29.75 3.69 -32.95
C ASN C 272 30.08 4.23 -31.57
N LEU C 273 30.10 3.38 -30.55
CA LEU C 273 30.37 3.82 -29.19
C LEU C 273 31.67 3.18 -28.70
N GLU C 274 32.40 3.93 -27.88
CA GLU C 274 33.73 3.48 -27.46
C GLU C 274 33.67 2.50 -26.30
N TYR C 275 33.17 2.94 -25.14
CA TYR C 275 33.12 2.14 -23.93
C TYR C 275 32.22 2.75 -22.86
N PRO C 276 31.50 1.94 -22.09
CA PRO C 276 30.79 2.47 -20.92
C PRO C 276 31.71 2.66 -19.72
N SER C 277 32.71 1.77 -19.60
CA SER C 277 33.77 1.81 -18.58
C SER C 277 33.19 1.77 -17.16
N VAL C 278 32.54 0.65 -16.85
CA VAL C 278 31.95 0.43 -15.53
C VAL C 278 31.86 -1.07 -15.28
N THR C 279 32.30 -1.49 -14.09
CA THR C 279 32.20 -2.87 -13.64
C THR C 279 31.17 -2.98 -12.52
N LEU C 280 30.51 -4.09 -12.47
CA LEU C 280 29.51 -4.23 -11.43
C LEU C 280 30.11 -4.78 -10.15
N PRO C 281 29.66 -4.30 -8.99
CA PRO C 281 30.08 -4.87 -7.72
C PRO C 281 29.46 -6.24 -7.50
N PRO C 282 29.89 -7.00 -6.48
CA PRO C 282 29.18 -8.23 -6.12
C PRO C 282 27.85 -7.98 -5.42
N GLN C 283 27.24 -9.03 -4.91
CA GLN C 283 25.98 -8.93 -4.17
C GLN C 283 26.14 -8.07 -2.93
N PRO C 284 25.35 -7.01 -2.77
CA PRO C 284 25.69 -5.91 -1.84
C PRO C 284 25.64 -6.21 -0.35
N HIS C 285 24.49 -6.72 0.11
CA HIS C 285 24.22 -7.30 1.43
C HIS C 285 24.15 -6.33 2.61
N THR C 286 24.58 -5.07 2.51
CA THR C 286 24.44 -4.29 3.74
C THR C 286 23.29 -3.31 3.77
N LYS C 287 23.50 -2.08 3.29
CA LYS C 287 22.48 -1.20 2.73
C LYS C 287 23.18 -0.23 1.78
N GLU C 288 24.42 0.09 2.14
CA GLU C 288 25.20 1.07 1.40
C GLU C 288 25.81 0.44 0.15
N GLY C 289 26.05 -0.87 0.21
CA GLY C 289 26.38 -1.59 -1.00
C GLY C 289 25.27 -1.53 -2.02
N VAL C 290 24.02 -1.56 -1.58
CA VAL C 290 22.90 -1.39 -2.49
C VAL C 290 22.90 0.00 -3.09
N ASP C 291 23.32 1.01 -2.33
CA ASP C 291 23.41 2.36 -2.86
C ASP C 291 24.52 2.48 -3.90
N ALA C 292 25.66 1.84 -3.66
CA ALA C 292 26.75 1.86 -4.65
C ALA C 292 26.38 1.07 -5.90
N TYR C 293 25.72 -0.09 -5.71
CA TYR C 293 25.30 -0.92 -6.82
C TYR C 293 24.27 -0.23 -7.67
N ASN C 294 23.25 0.37 -7.05
CA ASN C 294 22.25 1.08 -7.82
C ASN C 294 22.77 2.40 -8.37
N GLU C 295 23.82 2.97 -7.80
CA GLU C 295 24.47 4.12 -8.43
C GLU C 295 25.14 3.72 -9.73
N VAL C 296 25.87 2.59 -9.71
CA VAL C 296 26.51 2.11 -10.94
C VAL C 296 25.46 1.68 -11.96
N ILE C 297 24.36 1.08 -11.50
CA ILE C 297 23.26 0.70 -12.37
C ILE C 297 22.61 1.92 -13.00
N ALA C 298 22.44 3.00 -12.21
CA ALA C 298 21.85 4.22 -12.75
C ALA C 298 22.78 4.90 -13.74
N ARG C 299 24.10 4.85 -13.49
CA ARG C 299 25.05 5.45 -14.42
C ARG C 299 25.05 4.72 -15.76
N VAL C 300 25.09 3.38 -15.72
CA VAL C 300 25.06 2.59 -16.94
C VAL C 300 23.72 2.74 -17.65
N ARG C 301 22.62 2.82 -16.89
CA ARG C 301 21.30 2.93 -17.49
C ARG C 301 21.10 4.29 -18.15
N MET C 302 21.61 5.36 -17.53
CA MET C 302 21.55 6.68 -18.13
C MET C 302 22.42 6.76 -19.38
N TRP C 303 23.58 6.09 -19.37
CA TRP C 303 24.41 6.06 -20.56
C TRP C 303 23.74 5.29 -21.69
N VAL C 304 23.06 4.19 -21.36
CA VAL C 304 22.39 3.40 -22.38
C VAL C 304 21.23 4.18 -22.99
N ASN C 305 20.45 4.88 -22.15
CA ASN C 305 19.39 5.73 -22.67
C ASN C 305 19.93 6.89 -23.49
N LEU C 306 21.08 7.43 -23.11
CA LEU C 306 21.62 8.59 -23.81
C LEU C 306 22.28 8.24 -25.13
N ASN C 307 22.96 7.09 -25.23
CA ASN C 307 23.77 6.79 -26.39
C ASN C 307 23.32 5.53 -27.14
N LEU C 308 22.21 4.91 -26.76
CA LEU C 308 21.74 3.75 -27.49
C LEU C 308 20.25 3.86 -27.81
N TRP C 309 19.50 4.51 -26.92
CA TRP C 309 18.06 4.59 -27.08
C TRP C 309 17.63 5.81 -27.86
N GLN C 310 18.45 6.85 -27.91
CA GLN C 310 18.09 8.10 -28.57
C GLN C 310 18.94 8.39 -29.79
N LYS C 311 20.26 8.44 -29.65
CA LYS C 311 21.12 8.81 -30.77
C LYS C 311 21.41 7.65 -31.70
N LEU C 312 20.87 6.46 -31.42
CA LEU C 312 20.98 5.33 -32.31
C LEU C 312 19.65 4.68 -32.58
N LYS C 313 18.58 5.11 -31.90
CA LYS C 313 17.19 4.81 -32.21
C LYS C 313 16.89 3.32 -32.14
N LEU C 314 17.19 2.72 -31.00
CA LEU C 314 16.96 1.30 -30.74
C LEU C 314 15.72 1.17 -29.86
N SER C 315 14.82 0.25 -30.24
CA SER C 315 13.66 -0.09 -29.43
C SER C 315 14.16 -0.77 -28.17
N ARG C 316 13.42 -0.58 -27.07
CA ARG C 316 13.74 -1.12 -25.76
C ARG C 316 13.90 -2.65 -25.76
N ASP C 317 12.94 -3.36 -26.34
CA ASP C 317 12.99 -4.82 -26.33
C ASP C 317 13.83 -5.38 -27.48
N ASP C 318 15.02 -4.81 -27.68
CA ASP C 318 16.04 -5.42 -28.51
C ASP C 318 17.35 -5.35 -27.73
N ALA C 319 17.53 -4.24 -27.03
CA ALA C 319 18.65 -4.06 -26.10
C ALA C 319 18.04 -3.90 -24.71
N LYS C 320 17.96 -5.00 -23.98
CA LYS C 320 17.31 -4.99 -22.67
C LYS C 320 18.16 -4.21 -21.68
N PRO C 321 17.53 -3.38 -20.83
CA PRO C 321 18.30 -2.52 -19.93
C PRO C 321 18.68 -3.26 -18.66
N LEU C 322 19.51 -2.61 -17.86
CA LEU C 322 19.89 -3.15 -16.58
C LEU C 322 18.85 -2.81 -15.53
N LEU C 323 18.34 -3.83 -14.83
CA LEU C 323 17.36 -3.56 -13.80
C LEU C 323 18.03 -3.05 -12.54
N ARG C 324 17.20 -2.50 -11.66
CA ARG C 324 17.64 -1.86 -10.44
C ARG C 324 17.28 -2.73 -9.25
N LEU C 325 18.17 -2.79 -8.27
CA LEU C 325 17.91 -3.55 -7.04
C LEU C 325 16.89 -2.80 -6.20
N LYS C 326 15.65 -3.28 -6.24
CA LYS C 326 14.54 -2.66 -5.53
C LYS C 326 13.99 -3.63 -4.50
N GLY C 327 13.60 -3.11 -3.35
CA GLY C 327 12.96 -3.90 -2.33
C GLY C 327 13.79 -4.13 -1.08
N PHE C 328 14.97 -3.55 -0.98
CA PHE C 328 15.84 -3.86 0.14
C PHE C 328 15.36 -3.19 1.40
N PRO C 329 15.01 -3.94 2.44
CA PRO C 329 14.43 -3.34 3.63
C PRO C 329 15.50 -2.68 4.49
N SER C 330 15.04 -1.79 5.36
CA SER C 330 15.88 -1.15 6.34
C SER C 330 15.49 -1.64 7.73
N PHE C 331 16.44 -1.59 8.65
CA PHE C 331 16.17 -1.99 10.03
C PHE C 331 15.18 -1.00 10.63
N PRO C 332 14.11 -1.48 11.30
CA PRO C 332 12.84 -0.73 11.34
C PRO C 332 12.82 0.69 11.89
N VAL C 333 13.10 0.93 13.16
CA VAL C 333 12.81 2.26 13.69
C VAL C 333 14.08 3.09 13.67
N VAL C 334 15.23 2.44 13.87
CA VAL C 334 16.45 3.20 14.11
C VAL C 334 17.01 3.80 12.83
N GLU C 335 16.70 3.24 11.66
CA GLU C 335 17.32 3.64 10.41
C GLU C 335 16.47 4.63 9.62
N ARG C 336 15.77 5.53 10.31
CA ARG C 336 15.03 6.58 9.63
C ARG C 336 15.92 7.80 9.39
N ARG C 337 15.40 8.75 8.61
CA ARG C 337 16.24 9.81 8.04
C ARG C 337 16.44 10.99 8.99
N GLU C 338 15.34 11.67 9.35
CA GLU C 338 15.31 12.81 10.27
C GLU C 338 16.20 13.95 9.79
N ASN C 339 15.82 14.52 8.64
CA ASN C 339 16.61 15.55 7.96
C ASN C 339 16.12 16.96 8.28
N GLU C 340 15.57 17.17 9.48
CA GLU C 340 14.81 18.37 9.79
C GLU C 340 15.68 19.63 9.79
N VAL C 341 15.18 20.67 9.11
CA VAL C 341 15.89 21.93 8.99
C VAL C 341 14.86 23.05 9.13
N ASP C 342 15.33 24.21 9.58
CA ASP C 342 14.46 25.37 9.75
C ASP C 342 14.41 26.20 8.48
N TRP C 343 13.27 26.86 8.27
CA TRP C 343 12.98 27.44 6.98
C TRP C 343 13.78 28.71 6.73
N TRP C 344 13.81 29.61 7.71
CA TRP C 344 14.38 30.92 7.47
C TRP C 344 15.89 30.89 7.37
N ASN C 345 16.54 29.93 8.04
CA ASN C 345 17.98 29.83 7.92
C ASN C 345 18.39 29.35 6.54
N THR C 346 17.65 28.39 5.97
CA THR C 346 17.94 27.97 4.61
C THR C 346 17.59 29.05 3.59
N ILE C 347 16.55 29.85 3.86
CA ILE C 347 16.23 31.00 3.00
C ILE C 347 17.40 31.98 2.99
N ASN C 348 17.96 32.27 4.17
CA ASN C 348 19.11 33.16 4.23
C ASN C 348 20.36 32.55 3.63
N GLU C 349 20.48 31.22 3.64
CA GLU C 349 21.62 30.58 3.00
C GLU C 349 21.53 30.69 1.48
N VAL C 350 20.34 30.47 0.91
CA VAL C 350 20.15 30.63 -0.53
C VAL C 350 20.38 32.08 -0.94
N LYS C 351 19.89 33.03 -0.12
CA LYS C 351 20.13 34.43 -0.41
C LYS C 351 21.60 34.81 -0.29
N LYS C 352 22.33 34.16 0.63
CA LYS C 352 23.76 34.44 0.75
C LYS C 352 24.52 33.93 -0.47
N LEU C 353 24.20 32.72 -0.93
CA LEU C 353 24.83 32.18 -2.14
C LEU C 353 24.48 33.00 -3.38
N ILE C 354 23.27 33.55 -3.43
CA ILE C 354 22.88 34.36 -4.58
C ILE C 354 23.61 35.70 -4.55
N ASP C 355 23.56 36.42 -3.41
CA ASP C 355 24.16 37.73 -3.32
C ASP C 355 25.69 37.68 -3.29
N ALA C 356 26.30 36.52 -3.08
CA ALA C 356 27.75 36.45 -3.18
C ALA C 356 28.21 36.56 -4.62
N LYS C 357 27.52 35.90 -5.54
CA LYS C 357 27.92 35.84 -6.94
C LYS C 357 27.15 36.83 -7.80
N ARG C 358 26.77 37.99 -7.25
CA ARG C 358 26.03 38.96 -8.04
C ARG C 358 26.93 39.68 -9.03
N ASP C 359 28.13 40.06 -8.59
CA ASP C 359 28.99 40.90 -9.40
C ASP C 359 29.62 40.13 -10.56
N MET C 360 29.76 38.82 -10.42
CA MET C 360 30.28 38.03 -11.54
C MET C 360 29.21 37.81 -12.59
N GLY C 361 27.93 37.83 -12.19
CA GLY C 361 26.86 37.74 -13.16
C GLY C 361 26.72 38.98 -14.00
N ARG C 362 27.14 40.14 -13.47
CA ARG C 362 27.01 41.38 -14.21
C ARG C 362 27.99 41.43 -15.38
N VAL C 363 29.24 41.01 -15.16
CA VAL C 363 30.21 41.06 -16.24
C VAL C 363 29.93 39.99 -17.29
N PHE C 364 29.16 38.95 -16.94
CA PHE C 364 28.88 37.88 -17.88
C PHE C 364 27.76 38.27 -18.84
N TRP C 365 26.61 38.65 -18.30
CA TRP C 365 25.45 38.93 -19.14
C TRP C 365 25.57 40.23 -19.91
N SER C 366 26.43 41.14 -19.46
CA SER C 366 26.75 42.34 -20.23
C SER C 366 27.81 42.09 -21.29
N GLY C 367 28.19 40.84 -21.49
CA GLY C 367 29.40 40.50 -22.19
C GLY C 367 29.21 39.89 -23.56
N VAL C 368 29.28 38.56 -23.59
CA VAL C 368 29.85 37.76 -24.67
C VAL C 368 29.32 38.03 -26.08
N THR C 369 28.04 37.71 -26.34
CA THR C 369 27.47 37.89 -27.68
C THR C 369 26.06 38.43 -27.53
N ALA C 370 25.39 38.54 -28.67
CA ALA C 370 23.94 38.56 -28.71
C ALA C 370 23.38 37.20 -29.09
N GLU C 371 24.16 36.40 -29.81
CA GLU C 371 23.68 35.16 -30.38
C GLU C 371 23.78 33.99 -29.41
N LYS C 372 24.93 33.85 -28.74
CA LYS C 372 25.08 32.78 -27.73
C LYS C 372 24.19 33.05 -26.53
N ARG C 373 24.06 34.33 -26.15
CA ARG C 373 23.20 34.69 -25.05
C ARG C 373 21.73 34.48 -25.39
N ASN C 374 21.38 34.59 -26.67
CA ASN C 374 20.02 34.22 -27.06
C ASN C 374 19.81 32.71 -27.00
N THR C 375 20.86 31.92 -27.25
CA THR C 375 20.73 30.48 -27.05
C THR C 375 20.60 30.12 -25.58
N ILE C 376 21.24 30.89 -24.70
CA ILE C 376 21.05 30.67 -23.27
C ILE C 376 19.65 31.07 -22.86
N LEU C 377 19.14 32.18 -23.40
CA LEU C 377 17.80 32.64 -23.05
C LEU C 377 16.70 31.79 -23.67
N GLU C 378 16.99 31.06 -24.74
CA GLU C 378 15.93 30.29 -25.36
C GLU C 378 16.02 28.80 -25.07
N GLY C 379 17.22 28.23 -24.98
CA GLY C 379 17.34 26.82 -24.70
C GLY C 379 17.07 26.46 -23.25
N TYR C 380 17.37 27.37 -22.32
CA TYR C 380 17.18 27.14 -20.90
C TYR C 380 15.82 27.61 -20.40
N ASN C 381 14.81 27.63 -21.28
CA ASN C 381 13.40 27.79 -20.93
C ASN C 381 13.09 29.13 -20.27
N TYR C 382 13.81 30.19 -20.64
CA TYR C 382 13.50 31.50 -20.08
C TYR C 382 12.32 32.15 -20.79
N LEU C 383 12.44 32.37 -22.09
CA LEU C 383 11.43 33.15 -22.80
C LEU C 383 10.15 32.35 -22.96
N PRO C 384 8.98 32.99 -22.81
CA PRO C 384 7.72 32.24 -22.83
C PRO C 384 7.40 31.74 -24.23
N ASN C 385 7.15 30.43 -24.33
CA ASN C 385 7.05 29.82 -25.66
C ASN C 385 5.66 30.01 -26.27
N GLU C 386 4.64 29.38 -25.67
CA GLU C 386 3.26 29.64 -26.04
C GLU C 386 2.46 29.75 -24.75
N ASN C 387 2.48 30.94 -24.17
CA ASN C 387 1.55 31.29 -23.11
C ASN C 387 0.82 32.55 -23.57
N ASP C 388 -0.13 32.35 -24.47
CA ASP C 388 -1.04 33.40 -24.91
C ASP C 388 -2.43 32.86 -25.15
N HIS C 389 -2.65 31.56 -24.99
CA HIS C 389 -3.93 30.92 -25.31
C HIS C 389 -4.95 31.27 -24.22
N LYS C 390 -5.50 32.47 -24.33
CA LYS C 390 -6.43 33.01 -23.35
C LYS C 390 -7.76 32.27 -23.47
N LYS C 391 -7.98 31.30 -22.59
CA LYS C 391 -9.27 30.61 -22.53
C LYS C 391 -10.17 31.33 -21.53
N ARG C 392 -10.61 32.52 -21.95
CA ARG C 392 -11.46 33.44 -21.17
C ARG C 392 -10.91 33.77 -19.79
N GLU C 397 -7.55 36.73 -19.97
CA GLU C 397 -6.35 36.56 -19.14
C GLU C 397 -5.47 35.44 -19.65
N ASN C 398 -4.16 35.69 -19.68
CA ASN C 398 -3.20 34.67 -20.07
C ASN C 398 -3.10 33.59 -19.01
N PRO C 399 -2.58 32.42 -19.36
CA PRO C 399 -2.18 31.47 -18.32
C PRO C 399 -0.96 31.97 -17.58
N LYS C 400 -0.76 31.42 -16.38
CA LYS C 400 0.34 31.84 -15.54
C LYS C 400 1.65 31.24 -16.04
N LYS C 401 2.75 31.82 -15.58
CA LYS C 401 4.08 31.42 -15.99
C LYS C 401 4.88 30.94 -14.79
N PRO C 402 5.80 29.98 -14.98
CA PRO C 402 6.41 29.31 -13.83
C PRO C 402 7.54 30.06 -13.15
N ALA C 403 7.62 31.39 -13.35
CA ALA C 403 8.46 32.34 -12.61
C ALA C 403 9.93 32.26 -12.99
N LYS C 404 10.29 31.30 -13.82
CA LYS C 404 11.49 31.40 -14.62
C LYS C 404 11.21 32.10 -15.93
N ARG C 405 9.94 32.23 -16.29
CA ARG C 405 9.53 32.88 -17.52
C ARG C 405 8.98 34.29 -17.31
N GLN C 406 8.49 34.60 -16.11
CA GLN C 406 8.20 35.99 -15.78
C GLN C 406 9.47 36.81 -15.80
N PHE C 407 10.56 36.23 -15.32
CA PHE C 407 11.86 36.87 -15.42
C PHE C 407 12.29 37.02 -16.88
N GLY C 408 11.90 36.07 -17.73
CA GLY C 408 12.16 36.21 -19.15
C GLY C 408 11.38 37.32 -19.79
N ASP C 409 10.11 37.50 -19.38
CA ASP C 409 9.31 38.60 -19.89
C ASP C 409 9.86 39.95 -19.45
N LEU C 410 10.30 40.04 -18.18
CA LEU C 410 10.91 41.26 -17.69
C LEU C 410 12.21 41.55 -18.43
N LEU C 411 12.97 40.50 -18.75
CA LEU C 411 14.19 40.67 -19.52
C LEU C 411 13.90 41.12 -20.95
N LEU C 412 12.83 40.60 -21.55
CA LEU C 412 12.46 41.00 -22.90
C LEU C 412 12.03 42.46 -22.95
N TYR C 413 11.23 42.88 -21.96
CA TYR C 413 10.78 44.27 -21.90
C TYR C 413 11.93 45.21 -21.62
N LEU C 414 12.87 44.80 -20.76
CA LEU C 414 14.03 45.64 -20.52
C LEU C 414 15.00 45.63 -21.69
N GLU C 415 15.00 44.58 -22.50
CA GLU C 415 15.82 44.59 -23.70
C GLU C 415 15.23 45.51 -24.75
N LYS C 416 13.91 45.59 -24.81
CA LYS C 416 13.27 46.53 -25.73
C LYS C 416 13.49 47.97 -25.28
N LYS C 417 13.05 48.31 -24.06
CA LYS C 417 13.05 49.69 -23.62
C LYS C 417 14.42 50.23 -23.28
N TYR C 418 15.45 49.38 -23.22
CA TYR C 418 16.69 49.80 -22.59
C TYR C 418 17.87 48.98 -23.08
N TRP C 422 23.02 46.54 -23.13
CA TRP C 422 22.55 45.37 -22.38
C TRP C 422 23.29 45.24 -21.06
N GLY C 423 24.15 46.22 -20.78
CA GLY C 423 24.86 46.23 -19.52
C GLY C 423 23.96 46.63 -18.37
N LYS C 424 23.28 47.75 -18.51
CA LYS C 424 22.43 48.29 -17.44
C LYS C 424 21.06 47.64 -17.40
N VAL C 425 20.77 46.70 -18.29
CA VAL C 425 19.55 45.90 -18.18
C VAL C 425 19.63 45.01 -16.94
N PHE C 426 20.82 44.49 -16.66
CA PHE C 426 21.04 43.61 -15.52
C PHE C 426 20.74 44.31 -14.20
N ASP C 427 21.11 45.59 -14.09
CA ASP C 427 20.91 46.32 -12.85
C ASP C 427 19.42 46.54 -12.57
N GLU C 428 18.67 46.94 -13.59
CA GLU C 428 17.23 47.15 -13.41
C GLU C 428 16.51 45.84 -13.12
N ALA C 429 16.93 44.76 -13.79
CA ALA C 429 16.33 43.46 -13.55
C ALA C 429 16.62 42.98 -12.13
N TRP C 430 17.86 43.14 -11.68
CA TRP C 430 18.25 42.72 -10.35
C TRP C 430 17.53 43.51 -9.27
N GLU C 431 17.38 44.81 -9.47
CA GLU C 431 16.68 45.63 -8.48
C GLU C 431 15.20 45.31 -8.43
N ARG C 432 14.57 45.03 -9.58
CA ARG C 432 13.15 44.69 -9.57
C ARG C 432 12.90 43.34 -8.91
N ILE C 433 13.75 42.35 -9.20
CA ILE C 433 13.50 41.04 -8.60
C ILE C 433 13.89 41.06 -7.12
N ASP C 434 14.87 41.88 -6.74
CA ASP C 434 15.21 42.03 -5.34
C ASP C 434 14.09 42.69 -4.56
N LYS C 435 13.40 43.67 -5.17
CA LYS C 435 12.26 44.29 -4.50
C LYS C 435 11.09 43.32 -4.39
N LYS C 436 10.89 42.47 -5.40
CA LYS C 436 9.87 41.44 -5.31
C LYS C 436 10.19 40.43 -4.21
N ILE C 437 11.47 40.04 -4.09
CA ILE C 437 11.90 39.11 -3.06
C ILE C 437 11.72 39.72 -1.68
N ALA C 438 12.06 41.00 -1.52
CA ALA C 438 11.92 41.67 -0.24
C ALA C 438 10.46 41.82 0.16
N GLY C 439 9.58 42.10 -0.81
CA GLY C 439 8.17 42.17 -0.51
C GLY C 439 7.59 40.82 -0.12
N LEU C 440 8.04 39.76 -0.79
CA LEU C 440 7.58 38.41 -0.43
C LEU C 440 8.05 38.00 0.96
N THR C 441 9.32 38.25 1.28
CA THR C 441 9.80 37.83 2.59
C THR C 441 9.25 38.71 3.70
N SER C 442 8.90 39.96 3.41
CA SER C 442 8.26 40.79 4.41
C SER C 442 6.83 40.33 4.66
N HIS C 443 6.13 39.92 3.60
CA HIS C 443 4.77 39.39 3.79
C HIS C 443 4.78 38.08 4.55
N ILE C 444 5.75 37.20 4.27
CA ILE C 444 5.81 35.94 5.00
C ILE C 444 6.26 36.17 6.44
N GLU C 445 7.11 37.17 6.69
CA GLU C 445 7.48 37.44 8.07
C GLU C 445 6.33 38.06 8.85
N ARG C 446 5.51 38.90 8.21
CA ARG C 446 4.40 39.49 8.94
C ARG C 446 3.21 38.54 9.07
N GLU C 447 3.15 37.49 8.26
CA GLU C 447 2.02 36.56 8.35
C GLU C 447 2.36 35.29 9.11
N GLU C 448 3.58 34.78 8.94
CA GLU C 448 4.01 33.59 9.65
C GLU C 448 4.11 33.86 11.14
N ALA C 449 4.80 34.93 11.52
CA ALA C 449 4.91 35.29 12.92
C ALA C 449 3.81 36.26 13.34
N ARG C 450 2.57 35.96 13.00
CA ARG C 450 1.43 36.52 13.72
C ARG C 450 0.55 35.43 14.29
N ASN C 451 -0.14 34.66 13.45
CA ASN C 451 -0.98 33.58 13.95
C ASN C 451 -1.00 32.36 13.04
N ALA C 452 -0.70 32.55 11.76
CA ALA C 452 -1.01 31.52 10.78
C ALA C 452 0.10 31.32 9.76
N GLU C 453 -0.18 30.57 8.71
CA GLU C 453 0.77 30.29 7.65
C GLU C 453 0.15 30.68 6.32
N ASP C 454 0.89 31.46 5.52
CA ASP C 454 0.38 31.92 4.24
C ASP C 454 0.26 30.77 3.25
N ALA C 455 1.21 29.84 3.29
CA ALA C 455 1.16 28.49 2.73
C ALA C 455 1.22 28.44 1.20
N GLN C 456 1.17 29.56 0.55
CA GLN C 456 1.38 29.64 -0.89
C GLN C 456 2.51 30.57 -1.24
N SER C 457 2.60 31.72 -0.58
CA SER C 457 3.65 32.68 -0.85
C SER C 457 5.03 32.17 -0.44
N LYS C 458 5.09 31.15 0.43
CA LYS C 458 6.33 30.43 0.66
C LYS C 458 6.79 29.75 -0.62
N ALA C 459 5.87 29.08 -1.31
CA ALA C 459 6.21 28.37 -2.54
C ALA C 459 6.64 29.33 -3.63
N VAL C 460 6.00 30.49 -3.73
CA VAL C 460 6.35 31.46 -4.75
C VAL C 460 7.68 32.13 -4.41
N LEU C 461 7.98 32.30 -3.12
CA LEU C 461 9.28 32.83 -2.73
C LEU C 461 10.40 31.85 -3.07
N THR C 462 10.14 30.55 -2.89
CA THR C 462 11.15 29.56 -3.26
C THR C 462 11.32 29.48 -4.77
N ASP C 463 10.23 29.61 -5.52
CA ASP C 463 10.34 29.61 -6.99
C ASP C 463 11.12 30.80 -7.49
N TRP C 464 10.89 31.98 -6.92
CA TRP C 464 11.63 33.15 -7.37
C TRP C 464 13.08 33.12 -6.93
N LEU C 465 13.37 32.51 -5.77
CA LEU C 465 14.75 32.33 -5.37
C LEU C 465 15.48 31.34 -6.25
N ARG C 466 14.80 30.27 -6.66
CA ARG C 466 15.38 29.32 -7.60
C ARG C 466 15.60 29.97 -8.96
N ALA C 467 14.71 30.89 -9.36
CA ALA C 467 14.89 31.60 -10.62
C ALA C 467 16.09 32.54 -10.58
N LYS C 468 16.26 33.25 -9.46
CA LYS C 468 17.44 34.09 -9.29
C LYS C 468 18.72 33.26 -9.28
N ALA C 469 18.66 32.07 -8.67
CA ALA C 469 19.83 31.19 -8.63
C ALA C 469 20.16 30.68 -10.03
N SER C 470 19.17 30.16 -10.74
CA SER C 470 19.32 29.68 -12.10
C SER C 470 19.42 30.81 -13.11
N PHE C 471 19.51 32.06 -12.66
CA PHE C 471 19.96 33.19 -13.45
C PHE C 471 21.40 33.59 -13.12
N VAL C 472 21.80 33.47 -11.86
CA VAL C 472 23.16 33.82 -11.48
C VAL C 472 24.14 32.77 -11.98
N LEU C 473 23.74 31.50 -11.99
CA LEU C 473 24.67 30.40 -12.21
C LEU C 473 25.13 30.24 -13.65
N GLU C 474 24.64 31.04 -14.59
CA GLU C 474 25.01 30.84 -15.97
C GLU C 474 26.40 31.33 -16.32
N ARG C 475 27.12 31.96 -15.40
CA ARG C 475 28.55 32.08 -15.59
C ARG C 475 29.21 30.71 -15.46
N LEU C 476 28.78 29.92 -14.48
CA LEU C 476 29.37 28.62 -14.24
C LEU C 476 28.90 27.58 -15.26
N LYS C 477 27.67 27.69 -15.74
CA LYS C 477 27.20 26.77 -16.76
C LYS C 477 27.75 27.07 -18.15
N GLU C 478 28.55 28.12 -18.30
CA GLU C 478 29.21 28.43 -19.55
C GLU C 478 30.72 28.42 -19.44
N MET C 479 31.29 28.89 -18.33
CA MET C 479 32.75 28.93 -18.22
C MET C 479 33.32 27.56 -17.83
N ASP C 480 32.97 27.05 -16.66
CA ASP C 480 33.52 25.79 -16.19
C ASP C 480 32.48 25.03 -15.39
N GLU C 481 32.16 23.82 -15.84
CA GLU C 481 31.13 23.00 -15.22
C GLU C 481 31.65 22.17 -14.06
N LYS C 482 32.85 22.43 -13.55
CA LYS C 482 33.39 21.63 -12.47
C LYS C 482 32.70 21.94 -11.15
N GLU C 483 32.79 23.18 -10.70
CA GLU C 483 32.12 23.60 -9.48
C GLU C 483 30.69 24.04 -9.72
N PHE C 484 30.23 24.01 -10.97
CA PHE C 484 28.85 24.31 -11.26
C PHE C 484 27.93 23.25 -10.69
N TYR C 485 28.34 21.99 -10.73
CA TYR C 485 27.46 20.93 -10.28
C TYR C 485 27.42 20.82 -8.76
N ALA C 486 28.47 21.27 -8.07
CA ALA C 486 28.47 21.25 -6.62
C ALA C 486 27.48 22.27 -6.06
N CYS C 487 27.55 23.51 -6.56
CA CYS C 487 26.55 24.51 -6.19
C CYS C 487 25.16 24.12 -6.67
N GLU C 488 25.06 23.37 -7.77
CA GLU C 488 23.76 22.95 -8.25
C GLU C 488 23.13 21.90 -7.35
N ILE C 489 23.92 20.92 -6.88
CA ILE C 489 23.31 19.92 -6.02
C ILE C 489 23.04 20.50 -4.64
N GLN C 490 23.82 21.50 -4.22
CA GLN C 490 23.49 22.19 -2.98
C GLN C 490 22.20 22.99 -3.12
N LEU C 491 22.01 23.66 -4.25
CA LEU C 491 20.77 24.39 -4.49
C LEU C 491 19.59 23.45 -4.68
N GLN C 492 19.81 22.26 -5.22
CA GLN C 492 18.73 21.30 -5.36
C GLN C 492 18.31 20.76 -4.01
N LYS C 493 19.28 20.50 -3.12
CA LYS C 493 18.95 20.06 -1.77
C LYS C 493 18.23 21.16 -0.99
N TRP C 494 18.68 22.41 -1.17
CA TRP C 494 18.02 23.53 -0.50
C TRP C 494 16.62 23.75 -1.03
N TYR C 495 16.42 23.62 -2.33
CA TYR C 495 15.09 23.79 -2.90
C TYR C 495 14.15 22.67 -2.49
N GLY C 496 14.66 21.44 -2.43
CA GLY C 496 13.84 20.35 -1.97
C GLY C 496 13.45 20.49 -0.51
N ASP C 497 14.39 20.95 0.32
CA ASP C 497 14.08 21.27 1.71
C ASP C 497 13.02 22.34 1.80
N LEU C 498 13.22 23.46 1.10
CA LEU C 498 12.33 24.61 1.18
C LEU C 498 10.95 24.35 0.59
N ARG C 499 10.80 23.36 -0.28
CA ARG C 499 9.48 23.04 -0.81
C ARG C 499 8.80 21.89 -0.08
N GLY C 500 9.54 20.94 0.47
CA GLY C 500 8.91 19.81 1.12
C GLY C 500 8.78 19.92 2.62
N ASN C 501 9.84 20.38 3.28
CA ASN C 501 9.87 20.44 4.74
C ASN C 501 8.81 21.32 5.40
N PRO C 502 8.27 22.39 4.78
CA PRO C 502 7.07 23.01 5.39
C PRO C 502 5.78 22.25 5.18
N PHE C 503 5.82 21.03 4.66
CA PHE C 503 4.62 20.21 4.60
C PHE C 503 4.84 18.81 5.13
N ALA C 504 6.02 18.49 5.60
CA ALA C 504 6.27 17.21 6.25
C ALA C 504 5.55 17.15 7.58
N VAL C 505 5.10 15.95 7.95
CA VAL C 505 4.44 15.72 9.22
C VAL C 505 5.41 15.03 10.16
N GLU C 506 5.55 15.58 11.35
CA GLU C 506 6.21 14.90 12.45
C GLU C 506 5.15 14.18 13.27
N ALA C 507 5.53 13.75 14.49
CA ALA C 507 4.63 13.21 15.50
C ALA C 507 3.89 11.96 15.00
N GLU C 508 4.67 10.91 14.78
CA GLU C 508 4.11 9.61 14.50
C GLU C 508 3.35 9.06 15.71
N ASN C 509 2.55 8.03 15.49
CA ASN C 509 1.64 7.51 16.49
C ASN C 509 2.38 6.87 17.64
N ARG C 510 1.71 6.80 18.78
CA ARG C 510 2.27 6.17 19.97
C ARG C 510 1.33 5.08 20.44
N VAL C 511 1.83 3.88 20.61
CA VAL C 511 1.00 2.74 20.97
C VAL C 511 1.56 2.11 22.23
N VAL C 512 0.68 1.61 23.09
CA VAL C 512 1.06 0.69 24.14
C VAL C 512 0.13 -0.51 24.03
N ASP C 513 0.62 -1.68 24.43
CA ASP C 513 -0.10 -2.92 24.21
C ASP C 513 -0.66 -3.47 25.50
N ILE C 514 -1.76 -4.21 25.38
CA ILE C 514 -2.42 -4.88 26.47
C ILE C 514 -2.46 -6.34 26.05
N SER C 515 -1.47 -7.11 26.49
CA SER C 515 -1.26 -8.45 25.97
C SER C 515 -2.04 -9.46 26.80
N GLY C 516 -3.35 -9.47 26.58
CA GLY C 516 -4.19 -10.51 27.12
C GLY C 516 -4.91 -10.10 28.39
N PHE C 517 -6.01 -10.80 28.66
CA PHE C 517 -6.85 -10.58 29.82
C PHE C 517 -7.03 -11.93 30.51
N SER C 518 -6.27 -12.18 31.57
CA SER C 518 -6.31 -13.49 32.20
C SER C 518 -6.06 -13.39 33.69
N ILE C 519 -6.84 -14.16 34.47
CA ILE C 519 -6.53 -14.35 35.87
C ILE C 519 -5.27 -15.21 35.98
N GLY C 520 -4.48 -14.97 37.02
CA GLY C 520 -3.25 -15.69 37.23
C GLY C 520 -3.49 -17.15 37.64
N SER C 521 -2.39 -17.79 38.03
CA SER C 521 -2.45 -19.18 38.48
C SER C 521 -3.24 -19.29 39.78
N ASP C 522 -2.78 -18.61 40.82
CA ASP C 522 -3.63 -18.34 41.96
C ASP C 522 -4.80 -17.48 41.50
N GLY C 523 -6.02 -17.93 41.74
CA GLY C 523 -7.20 -17.36 41.12
C GLY C 523 -7.65 -15.98 41.56
N HIS C 524 -6.81 -15.28 42.32
CA HIS C 524 -7.10 -13.92 42.78
C HIS C 524 -5.91 -13.03 42.45
N SER C 525 -5.88 -12.54 41.22
CA SER C 525 -4.90 -11.62 40.66
C SER C 525 -5.38 -11.26 39.26
N ILE C 526 -4.80 -10.22 38.69
CA ILE C 526 -5.07 -9.85 37.31
C ILE C 526 -3.73 -9.85 36.60
N GLN C 527 -3.42 -10.93 35.88
CA GLN C 527 -2.27 -10.91 35.00
C GLN C 527 -2.53 -9.94 33.86
N TYR C 528 -1.51 -9.13 33.56
CA TYR C 528 -1.45 -8.05 32.57
C TYR C 528 -2.25 -6.81 32.95
N ARG C 529 -3.05 -6.89 34.02
CA ARG C 529 -3.56 -5.74 34.79
C ARG C 529 -4.40 -4.76 33.96
N ASN C 530 -5.36 -5.29 33.20
CA ASN C 530 -6.29 -4.44 32.45
C ASN C 530 -7.65 -5.09 32.42
N LEU C 531 -8.70 -4.27 32.34
CA LEU C 531 -10.05 -4.81 32.30
C LEU C 531 -10.99 -3.89 31.54
N LEU C 532 -12.08 -4.48 31.05
CA LEU C 532 -13.29 -3.75 30.64
C LEU C 532 -14.22 -3.67 31.83
N ALA C 533 -14.43 -2.46 32.34
CA ALA C 533 -15.04 -2.31 33.67
C ALA C 533 -16.57 -2.35 33.65
N TRP C 534 -17.20 -1.37 32.99
CA TRP C 534 -18.63 -1.10 33.01
C TRP C 534 -19.15 -0.87 34.44
N LYS C 535 -18.79 0.29 34.98
CA LYS C 535 -19.52 0.82 36.13
C LYS C 535 -20.96 1.07 35.75
N TYR C 536 -21.88 0.62 36.60
CA TYR C 536 -23.30 0.76 36.31
C TYR C 536 -23.77 2.19 36.53
N LEU C 537 -24.61 2.67 35.63
CA LEU C 537 -25.26 3.96 35.73
C LEU C 537 -26.63 3.79 36.39
N GLU C 538 -27.48 4.80 36.25
CA GLU C 538 -28.70 4.90 37.04
C GLU C 538 -29.69 3.78 36.72
N ASN C 539 -30.23 3.74 35.50
CA ASN C 539 -31.37 2.85 35.27
C ASN C 539 -30.94 1.41 35.04
N GLY C 540 -30.28 1.14 33.93
CA GLY C 540 -29.72 -0.18 33.71
C GLY C 540 -28.45 -0.14 32.89
N LYS C 541 -28.05 1.04 32.46
CA LYS C 541 -26.99 1.18 31.48
C LYS C 541 -25.62 1.16 32.15
N ARG C 542 -24.59 1.11 31.33
CA ARG C 542 -23.23 0.93 31.83
C ARG C 542 -22.36 2.10 31.38
N GLU C 543 -21.09 2.08 31.81
CA GLU C 543 -20.19 3.16 31.48
C GLU C 543 -19.00 2.73 30.63
N PHE C 544 -18.55 1.49 30.80
CA PHE C 544 -17.55 0.83 29.97
C PHE C 544 -16.21 1.59 29.95
N TYR C 545 -15.54 1.58 31.09
CA TYR C 545 -14.16 2.05 31.15
C TYR C 545 -13.21 0.93 30.77
N LEU C 546 -11.97 1.33 30.47
CA LEU C 546 -10.83 0.43 30.40
C LEU C 546 -9.88 0.79 31.53
N LEU C 547 -9.59 -0.18 32.38
CA LEU C 547 -8.75 0.03 33.54
C LEU C 547 -7.37 -0.56 33.29
N MET C 548 -6.34 0.25 33.48
CA MET C 548 -4.95 -0.15 33.33
C MET C 548 -4.23 0.07 34.64
N ASN C 549 -3.37 -0.88 35.01
CA ASN C 549 -2.63 -0.84 36.26
C ASN C 549 -1.17 -1.16 36.03
N TYR C 550 -0.53 -0.45 35.11
CA TYR C 550 0.82 -0.80 34.72
C TYR C 550 1.89 -0.33 35.70
N GLY C 551 1.51 0.20 36.86
CA GLY C 551 2.48 0.52 37.87
C GLY C 551 2.93 -0.71 38.62
N LYS C 552 3.94 -0.53 39.46
CA LYS C 552 4.54 -1.66 40.15
C LYS C 552 3.82 -2.03 41.43
N LYS C 553 2.49 -2.17 41.39
CA LYS C 553 1.72 -2.45 42.59
C LYS C 553 0.51 -3.30 42.21
N GLY C 554 -0.46 -3.36 43.10
CA GLY C 554 -1.68 -4.14 42.98
C GLY C 554 -2.82 -3.24 42.54
N ARG C 555 -3.58 -2.72 43.51
CA ARG C 555 -4.58 -1.66 43.43
C ARG C 555 -5.90 -2.13 42.83
N ILE C 556 -6.00 -3.36 42.34
CA ILE C 556 -7.26 -3.90 41.83
C ILE C 556 -7.49 -5.26 42.46
N ARG C 557 -8.69 -5.50 42.99
CA ARG C 557 -9.07 -6.80 43.52
C ARG C 557 -10.53 -7.06 43.19
N PHE C 558 -10.95 -8.31 43.37
CA PHE C 558 -12.23 -8.76 42.86
C PHE C 558 -12.59 -10.08 43.52
N THR C 559 -13.89 -10.32 43.72
CA THR C 559 -14.34 -11.67 44.04
C THR C 559 -15.35 -12.23 43.05
N ASP C 560 -16.60 -11.77 43.06
CA ASP C 560 -17.76 -12.22 42.30
C ASP C 560 -18.97 -11.41 42.73
N GLY C 561 -19.99 -11.36 41.88
CA GLY C 561 -21.23 -10.68 42.24
C GLY C 561 -22.30 -10.89 41.20
N THR C 562 -23.54 -10.59 41.59
CA THR C 562 -24.67 -10.70 40.69
C THR C 562 -25.71 -9.58 40.82
N ASP C 563 -25.48 -8.58 41.66
CA ASP C 563 -26.48 -7.53 41.84
C ASP C 563 -26.40 -6.51 40.71
N ILE C 564 -27.45 -5.72 40.59
CA ILE C 564 -27.57 -4.76 39.49
C ILE C 564 -27.87 -3.37 40.03
N LYS C 565 -27.39 -3.05 41.24
CA LYS C 565 -27.73 -1.80 41.89
C LYS C 565 -27.11 -0.61 41.16
N LYS C 566 -27.71 0.56 41.36
CA LYS C 566 -27.45 1.75 40.54
C LYS C 566 -26.21 2.51 41.00
N SER C 567 -25.08 1.82 41.07
CA SER C 567 -23.86 2.44 41.56
C SER C 567 -22.69 1.70 40.94
N GLY C 568 -21.50 1.87 41.50
CA GLY C 568 -20.33 1.28 40.92
C GLY C 568 -20.20 -0.20 41.18
N LYS C 569 -20.98 -1.01 40.46
CA LYS C 569 -20.79 -2.45 40.55
C LYS C 569 -19.47 -2.88 39.92
N TRP C 570 -19.03 -2.18 38.86
CA TRP C 570 -17.64 -2.16 38.38
C TRP C 570 -17.16 -3.51 37.85
N GLN C 571 -18.01 -4.23 37.11
CA GLN C 571 -17.93 -5.69 37.09
C GLN C 571 -16.66 -6.35 36.52
N GLY C 572 -16.40 -6.33 35.20
CA GLY C 572 -15.05 -6.68 34.79
C GLY C 572 -14.62 -7.68 33.72
N LEU C 573 -15.23 -8.87 33.59
CA LEU C 573 -14.97 -9.83 32.51
C LEU C 573 -13.51 -10.27 32.30
N LEU C 574 -13.00 -11.17 33.13
CA LEU C 574 -11.55 -11.36 33.20
C LEU C 574 -11.02 -12.68 32.62
N TYR C 575 -11.88 -13.58 32.14
CA TYR C 575 -11.49 -14.82 31.43
C TYR C 575 -10.62 -15.75 32.29
N GLY C 576 -11.26 -16.33 33.28
CA GLY C 576 -10.58 -17.25 34.16
C GLY C 576 -10.39 -18.62 33.57
N GLY C 577 -9.14 -19.04 33.44
CA GLY C 577 -8.82 -20.31 32.83
C GLY C 577 -9.18 -20.34 31.36
N GLY C 578 -10.22 -21.09 31.03
CA GLY C 578 -10.78 -21.03 29.69
C GLY C 578 -12.12 -20.34 29.73
N LYS C 579 -12.78 -20.38 30.89
CA LYS C 579 -14.12 -19.85 31.00
C LYS C 579 -14.11 -18.33 31.10
N ALA C 580 -15.23 -17.72 30.71
CA ALA C 580 -15.41 -16.29 30.78
C ALA C 580 -16.21 -15.97 32.04
N LYS C 581 -15.66 -15.11 32.89
CA LYS C 581 -16.32 -14.81 34.15
C LYS C 581 -16.31 -13.31 34.41
N VAL C 582 -17.48 -12.79 34.74
CA VAL C 582 -17.61 -11.46 35.30
C VAL C 582 -17.42 -11.59 36.81
N ILE C 583 -17.09 -10.47 37.44
CA ILE C 583 -16.65 -10.46 38.83
C ILE C 583 -17.21 -9.21 39.48
N ASP C 584 -17.16 -9.15 40.81
CA ASP C 584 -17.36 -7.87 41.47
C ASP C 584 -15.99 -7.33 41.83
N LEU C 585 -15.72 -6.11 41.41
CA LEU C 585 -14.38 -5.55 41.49
C LEU C 585 -14.39 -4.29 42.36
N THR C 586 -13.44 -4.20 43.27
CA THR C 586 -13.38 -3.09 44.21
C THR C 586 -12.04 -2.38 44.08
N PHE C 587 -12.10 -1.07 43.86
CA PHE C 587 -10.93 -0.21 43.80
C PHE C 587 -11.38 1.22 43.96
N ASP C 588 -10.41 2.11 44.21
CA ASP C 588 -10.68 3.52 44.41
C ASP C 588 -9.84 4.33 43.42
N PRO C 589 -10.43 5.30 42.71
CA PRO C 589 -9.67 6.09 41.74
C PRO C 589 -8.62 6.99 42.39
N ASP C 590 -7.34 6.68 42.16
CA ASP C 590 -6.25 7.32 42.88
C ASP C 590 -5.14 7.70 41.91
N ASP C 591 -4.41 8.74 42.28
CA ASP C 591 -3.42 9.35 41.40
C ASP C 591 -2.04 8.77 41.60
N GLU C 592 -1.92 7.45 41.53
CA GLU C 592 -0.62 6.80 41.59
C GLU C 592 -0.51 5.80 40.46
N GLN C 593 -1.65 5.22 40.12
CA GLN C 593 -1.78 4.20 39.09
C GLN C 593 -3.21 4.34 38.56
N LEU C 594 -3.70 3.26 37.96
CA LEU C 594 -5.11 3.09 37.58
C LEU C 594 -5.54 4.13 36.56
N ILE C 595 -4.95 3.98 35.37
CA ILE C 595 -5.45 4.63 34.17
C ILE C 595 -6.88 4.19 33.94
N ILE C 596 -7.82 5.12 34.02
CA ILE C 596 -9.23 4.80 33.82
C ILE C 596 -9.68 5.56 32.58
N LEU C 597 -9.92 4.83 31.50
CA LEU C 597 -10.30 5.45 30.24
C LEU C 597 -11.78 5.22 29.99
N PRO C 598 -12.64 6.24 29.98
CA PRO C 598 -14.00 6.04 29.50
C PRO C 598 -14.02 5.96 27.99
N LEU C 599 -14.68 4.95 27.45
CA LEU C 599 -14.75 4.74 26.01
C LEU C 599 -15.93 5.49 25.43
N ALA C 600 -15.85 5.80 24.14
CA ALA C 600 -16.95 6.39 23.40
C ALA C 600 -17.16 5.59 22.13
N PHE C 601 -18.36 5.06 21.95
CA PHE C 601 -18.69 4.30 20.77
C PHE C 601 -20.18 4.37 20.51
N GLY C 602 -20.59 3.85 19.36
CA GLY C 602 -21.97 3.94 18.95
C GLY C 602 -22.78 2.76 19.42
N THR C 603 -24.08 2.83 19.13
CA THR C 603 -24.93 1.67 19.31
C THR C 603 -24.58 0.59 18.31
N ARG C 604 -24.03 0.96 17.16
CA ARG C 604 -23.69 -0.02 16.13
C ARG C 604 -22.53 -0.91 16.58
N GLN C 605 -21.46 -0.30 17.10
CA GLN C 605 -20.29 -1.07 17.51
C GLN C 605 -20.59 -1.95 18.71
N GLY C 606 -21.36 -1.42 19.67
CA GLY C 606 -21.74 -2.20 20.82
C GLY C 606 -22.70 -3.31 20.48
N ARG C 607 -23.67 -3.04 19.61
CA ARG C 607 -24.56 -4.07 19.12
C ARG C 607 -23.82 -5.14 18.35
N GLU C 608 -22.72 -4.76 17.70
CA GLU C 608 -21.95 -5.73 16.95
C GLU C 608 -21.16 -6.65 17.88
N PHE C 609 -20.27 -6.09 18.69
CA PHE C 609 -19.46 -6.98 19.52
C PHE C 609 -19.15 -6.42 20.91
N ILE C 610 -20.16 -5.95 21.64
CA ILE C 610 -20.06 -5.88 23.09
C ILE C 610 -21.25 -6.60 23.69
N TRP C 611 -22.46 -6.20 23.31
CA TRP C 611 -23.67 -6.79 23.86
C TRP C 611 -24.54 -7.43 22.77
N ASN C 612 -23.90 -8.13 21.83
CA ASN C 612 -24.62 -8.74 20.71
C ASN C 612 -25.52 -9.86 21.20
N ASP C 613 -26.79 -9.82 20.80
CA ASP C 613 -27.79 -10.73 21.32
C ASP C 613 -27.65 -12.15 20.80
N LEU C 614 -26.78 -12.39 19.83
CA LEU C 614 -26.50 -13.73 19.32
C LEU C 614 -25.17 -14.27 19.78
N LEU C 615 -24.14 -13.43 19.82
CA LEU C 615 -22.81 -13.80 20.29
C LEU C 615 -22.53 -12.98 21.53
N SER C 616 -22.98 -13.47 22.69
CA SER C 616 -22.90 -12.67 23.89
C SER C 616 -21.54 -12.81 24.57
N LEU C 617 -21.07 -11.72 25.16
CA LEU C 617 -20.05 -11.84 26.17
C LEU C 617 -20.67 -12.31 27.49
N GLU C 618 -19.79 -12.58 28.47
CA GLU C 618 -20.10 -13.25 29.73
C GLU C 618 -20.70 -14.63 29.53
N THR C 619 -20.48 -15.23 28.36
CA THR C 619 -20.81 -16.61 28.08
C THR C 619 -19.69 -17.31 27.33
N GLY C 620 -18.90 -16.58 26.56
CA GLY C 620 -17.73 -17.13 25.91
C GLY C 620 -17.82 -17.30 24.41
N LEU C 621 -18.91 -16.86 23.79
CA LEU C 621 -19.03 -17.04 22.34
C LEU C 621 -18.10 -16.10 21.59
N ILE C 622 -17.91 -14.90 22.08
CA ILE C 622 -16.78 -14.06 21.70
C ILE C 622 -15.86 -14.03 22.91
N LYS C 623 -14.57 -13.90 22.67
CA LYS C 623 -13.65 -13.61 23.75
C LYS C 623 -12.79 -12.44 23.36
N LEU C 624 -12.44 -11.62 24.35
CA LEU C 624 -11.42 -10.63 24.09
C LEU C 624 -10.09 -11.32 23.96
N ALA C 625 -9.24 -10.78 23.11
CA ALA C 625 -7.93 -11.36 22.91
C ALA C 625 -6.83 -10.40 23.32
N ASN C 626 -6.84 -9.18 22.81
CA ASN C 626 -5.69 -8.32 22.97
C ASN C 626 -6.23 -6.89 22.95
N GLY C 627 -5.39 -5.94 23.31
CA GLY C 627 -5.83 -4.56 23.24
C GLY C 627 -4.66 -3.64 22.99
N ARG C 628 -4.97 -2.39 22.65
CA ARG C 628 -3.91 -1.40 22.58
C ARG C 628 -4.36 -0.15 23.31
N VAL C 629 -3.54 0.89 23.21
CA VAL C 629 -3.90 2.29 23.42
C VAL C 629 -3.10 3.06 22.39
N ILE C 630 -3.78 3.80 21.51
CA ILE C 630 -3.15 4.45 20.37
C ILE C 630 -3.40 5.95 20.51
N GLU C 631 -2.33 6.72 20.46
CA GLU C 631 -2.38 8.17 20.35
C GLU C 631 -1.91 8.51 18.94
N LYS C 632 -2.87 8.74 18.06
CA LYS C 632 -2.63 9.09 16.67
C LYS C 632 -3.16 10.48 16.40
N THR C 633 -2.64 11.10 15.35
CA THR C 633 -3.08 12.44 14.96
C THR C 633 -4.35 12.31 14.15
N ILE C 634 -5.45 12.82 14.68
CA ILE C 634 -6.70 12.92 13.96
C ILE C 634 -6.81 14.35 13.44
N TYR C 635 -7.67 14.55 12.45
CA TYR C 635 -7.84 15.87 11.85
C TYR C 635 -8.97 16.62 12.55
N ASN C 636 -8.64 17.77 13.11
CA ASN C 636 -9.61 18.68 13.69
C ASN C 636 -9.77 19.86 12.76
N LYS C 637 -11.01 20.19 12.41
CA LYS C 637 -11.26 21.14 11.32
C LYS C 637 -10.94 22.57 11.73
N LYS C 638 -11.06 22.90 13.01
CA LYS C 638 -10.98 24.28 13.45
C LYS C 638 -9.56 24.84 13.38
N ILE C 639 -8.56 23.98 13.48
CA ILE C 639 -7.15 24.35 13.43
C ILE C 639 -6.59 23.40 12.37
N GLY C 640 -5.27 23.31 12.23
CA GLY C 640 -4.67 22.25 11.46
C GLY C 640 -4.83 20.88 12.13
N ARG C 641 -4.20 19.90 11.51
CA ARG C 641 -4.37 18.49 11.90
C ARG C 641 -3.66 18.12 13.19
N ASP C 642 -2.97 19.06 13.84
CA ASP C 642 -2.26 18.75 15.07
C ASP C 642 -3.22 18.59 16.24
N GLU C 643 -3.99 17.50 16.24
CA GLU C 643 -4.88 17.17 17.35
C GLU C 643 -4.76 15.68 17.59
N PRO C 644 -3.80 15.26 18.41
CA PRO C 644 -3.68 13.84 18.73
C PRO C 644 -4.81 13.38 19.63
N ALA C 645 -5.52 12.36 19.19
CA ALA C 645 -6.65 11.83 19.94
C ALA C 645 -6.21 10.55 20.65
N LEU C 646 -7.16 9.87 21.29
CA LEU C 646 -6.88 8.62 21.99
C LEU C 646 -7.89 7.58 21.56
N PHE C 647 -7.43 6.54 20.89
CA PHE C 647 -8.23 5.39 20.53
C PHE C 647 -7.75 4.21 21.34
N VAL C 648 -8.58 3.18 21.47
CA VAL C 648 -8.27 2.07 22.37
C VAL C 648 -8.00 0.77 21.62
N ALA C 649 -8.91 0.35 20.74
CA ALA C 649 -8.74 -0.83 19.87
C ALA C 649 -8.53 -2.12 20.67
N LEU C 650 -9.65 -2.59 21.23
CA LEU C 650 -9.74 -3.93 21.80
C LEU C 650 -10.04 -4.94 20.69
N THR C 651 -9.18 -5.95 20.52
CA THR C 651 -9.38 -6.95 19.48
C THR C 651 -9.87 -8.27 20.04
N PHE C 652 -10.88 -8.81 19.36
CA PHE C 652 -11.77 -9.87 19.78
C PHE C 652 -11.60 -11.06 18.86
N GLU C 653 -11.75 -12.27 19.40
CA GLU C 653 -11.78 -13.48 18.61
C GLU C 653 -13.11 -14.17 18.81
N ARG C 654 -13.62 -14.77 17.74
CA ARG C 654 -14.92 -15.44 17.78
C ARG C 654 -14.72 -16.91 18.15
N ARG C 655 -15.73 -17.48 18.82
CA ARG C 655 -15.69 -18.89 19.20
C ARG C 655 -16.95 -19.65 18.82
N GLU C 656 -17.93 -19.01 18.19
CA GLU C 656 -19.11 -19.70 17.70
C GLU C 656 -19.19 -19.46 16.20
N VAL C 657 -19.34 -20.55 15.46
CA VAL C 657 -19.09 -20.56 14.02
C VAL C 657 -20.11 -21.47 13.36
N VAL C 658 -20.71 -21.00 12.26
CA VAL C 658 -21.72 -21.78 11.56
C VAL C 658 -21.05 -22.95 10.83
N ASP C 659 -21.67 -24.12 10.91
CA ASP C 659 -21.12 -25.31 10.26
C ASP C 659 -21.56 -25.35 8.81
N PRO C 660 -20.63 -25.51 7.86
CA PRO C 660 -21.03 -25.56 6.45
C PRO C 660 -21.75 -26.84 6.05
N SER C 661 -23.06 -26.71 5.81
CA SER C 661 -23.88 -27.76 5.24
C SER C 661 -24.82 -27.20 4.18
N ASN C 662 -24.29 -26.32 3.32
CA ASN C 662 -25.03 -25.66 2.26
C ASN C 662 -24.36 -25.95 0.91
N ILE C 663 -25.07 -25.60 -0.17
CA ILE C 663 -24.66 -26.03 -1.50
C ILE C 663 -24.48 -24.86 -2.47
N LYS C 664 -25.48 -23.96 -2.55
CA LYS C 664 -25.66 -22.90 -3.54
C LYS C 664 -25.73 -23.49 -4.95
N PRO C 665 -26.81 -24.20 -5.31
CA PRO C 665 -26.87 -24.82 -6.65
C PRO C 665 -27.11 -23.86 -7.81
N VAL C 666 -28.17 -23.06 -7.76
CA VAL C 666 -28.57 -22.26 -8.92
C VAL C 666 -27.80 -20.96 -8.76
N ASN C 667 -26.54 -20.98 -9.17
CA ASN C 667 -25.71 -19.95 -8.56
C ASN C 667 -24.97 -18.99 -9.46
N LEU C 668 -23.78 -19.42 -9.87
CA LEU C 668 -22.88 -18.83 -10.87
C LEU C 668 -22.93 -17.30 -10.99
N ILE C 669 -22.74 -16.60 -9.88
CA ILE C 669 -22.69 -15.14 -9.99
C ILE C 669 -21.29 -14.75 -10.46
N GLY C 670 -21.21 -14.21 -11.67
CA GLY C 670 -19.95 -13.92 -12.30
C GLY C 670 -19.30 -12.60 -11.94
N VAL C 671 -18.58 -12.50 -10.83
CA VAL C 671 -18.01 -11.21 -10.47
C VAL C 671 -16.87 -10.86 -11.42
N ALA C 672 -17.10 -9.86 -12.26
CA ALA C 672 -16.11 -9.35 -13.19
C ALA C 672 -15.67 -7.97 -12.72
N ARG C 673 -14.39 -7.82 -12.43
CA ARG C 673 -13.87 -6.62 -11.80
C ARG C 673 -13.18 -5.72 -12.80
N GLY C 674 -13.13 -4.43 -12.48
CA GLY C 674 -12.47 -3.46 -13.33
C GLY C 674 -12.25 -2.17 -12.55
N GLU C 675 -11.64 -1.21 -13.24
CA GLU C 675 -11.38 0.09 -12.63
C GLU C 675 -12.45 1.12 -12.93
N ASN C 676 -13.08 1.07 -14.10
CA ASN C 676 -14.15 2.01 -14.41
C ASN C 676 -15.41 1.68 -13.62
N ILE C 677 -15.98 0.51 -13.86
CA ILE C 677 -17.06 -0.01 -13.03
C ILE C 677 -16.56 -1.29 -12.37
N PRO C 678 -16.27 -1.29 -11.08
CA PRO C 678 -15.91 -2.55 -10.42
C PRO C 678 -17.13 -3.42 -10.23
N ALA C 679 -16.90 -4.74 -10.17
CA ALA C 679 -17.86 -5.73 -9.69
C ALA C 679 -19.16 -5.75 -10.51
N VAL C 680 -19.03 -6.17 -11.76
CA VAL C 680 -20.20 -6.35 -12.61
C VAL C 680 -20.74 -7.76 -12.43
N ILE C 681 -22.06 -7.87 -12.33
CA ILE C 681 -22.72 -9.07 -11.81
C ILE C 681 -23.62 -9.66 -12.88
N ALA C 682 -23.51 -10.98 -13.09
CA ALA C 682 -24.45 -11.72 -13.90
C ALA C 682 -24.80 -13.02 -13.20
N LEU C 683 -26.09 -13.33 -13.13
CA LEU C 683 -26.59 -14.53 -12.47
C LEU C 683 -27.14 -15.50 -13.50
N THR C 684 -26.80 -16.77 -13.34
CA THR C 684 -27.22 -17.82 -14.27
C THR C 684 -28.05 -18.87 -13.53
N ASP C 685 -28.34 -19.96 -14.23
CA ASP C 685 -28.89 -21.21 -13.73
C ASP C 685 -27.68 -22.13 -13.56
N PRO C 686 -27.79 -23.34 -13.00
CA PRO C 686 -26.59 -24.19 -12.96
C PRO C 686 -26.18 -24.71 -14.32
N GLU C 687 -27.12 -24.85 -15.25
CA GLU C 687 -26.77 -25.25 -16.61
C GLU C 687 -26.07 -24.14 -17.36
N GLY C 688 -26.34 -22.89 -17.01
CA GLY C 688 -25.62 -21.76 -17.58
C GLY C 688 -26.46 -20.67 -18.21
N CYS C 689 -27.76 -20.88 -18.31
CA CYS C 689 -28.60 -19.86 -18.89
C CYS C 689 -29.02 -18.84 -17.83
N PRO C 690 -29.09 -17.55 -18.18
CA PRO C 690 -29.50 -16.54 -17.21
C PRO C 690 -30.99 -16.58 -16.89
N LEU C 705 -26.48 -5.86 -13.22
CA LEU C 705 -26.12 -5.21 -11.96
C LEU C 705 -24.69 -4.71 -12.04
N ARG C 706 -24.47 -3.47 -11.57
CA ARG C 706 -23.23 -2.74 -11.80
C ARG C 706 -22.75 -2.12 -10.49
N ILE C 707 -22.59 -2.97 -9.48
CA ILE C 707 -22.34 -2.62 -8.08
C ILE C 707 -21.16 -1.67 -7.90
N GLY C 708 -21.43 -0.48 -7.38
CA GLY C 708 -20.42 0.55 -7.21
C GLY C 708 -20.16 1.30 -8.50
N GLU C 709 -21.23 1.84 -9.10
CA GLU C 709 -21.20 2.38 -10.45
C GLU C 709 -20.30 3.59 -10.63
N GLY C 710 -20.63 4.70 -9.99
CA GLY C 710 -19.84 5.90 -10.20
C GLY C 710 -18.71 5.98 -9.21
N TYR C 711 -17.54 5.53 -9.58
CA TYR C 711 -16.49 5.48 -8.59
C TYR C 711 -15.18 6.09 -9.04
N LYS C 712 -14.80 5.91 -10.31
CA LYS C 712 -13.55 6.49 -10.78
C LYS C 712 -13.65 7.99 -10.91
N GLU C 713 -14.86 8.50 -11.15
CA GLU C 713 -15.09 9.94 -11.23
C GLU C 713 -14.84 10.62 -9.90
N LYS C 714 -15.23 9.96 -8.79
CA LYS C 714 -15.07 10.56 -7.47
C LYS C 714 -13.62 10.67 -7.07
N GLN C 715 -12.85 9.59 -7.27
CA GLN C 715 -11.44 9.65 -6.94
C GLN C 715 -10.65 10.49 -7.93
N ARG C 716 -11.12 10.61 -9.18
CA ARG C 716 -10.51 11.57 -10.09
C ARG C 716 -10.78 13.00 -9.64
N ALA C 717 -11.95 13.27 -9.05
CA ALA C 717 -12.22 14.60 -8.53
C ALA C 717 -11.35 14.91 -7.31
N ILE C 718 -11.19 13.95 -6.42
CA ILE C 718 -10.32 14.13 -5.25
C ILE C 718 -8.88 14.31 -5.70
N GLN C 719 -8.45 13.56 -6.71
CA GLN C 719 -7.11 13.70 -7.24
C GLN C 719 -6.91 15.03 -7.95
N ALA C 720 -7.94 15.55 -8.61
CA ALA C 720 -7.86 16.86 -9.24
C ALA C 720 -7.74 17.96 -8.19
N ALA C 721 -8.43 17.80 -7.06
CA ALA C 721 -8.28 18.75 -5.96
C ALA C 721 -6.89 18.72 -5.37
N LYS C 722 -6.33 17.52 -5.19
CA LYS C 722 -4.96 17.41 -4.68
C LYS C 722 -3.94 17.99 -5.67
N GLU C 723 -4.16 17.80 -6.96
CA GLU C 723 -3.23 18.28 -7.95
C GLU C 723 -3.31 19.80 -8.11
N VAL C 724 -4.50 20.37 -8.00
CA VAL C 724 -4.60 21.82 -8.08
C VAL C 724 -4.12 22.46 -6.79
N GLU C 725 -4.14 21.72 -5.68
CA GLU C 725 -3.54 22.25 -4.46
C GLU C 725 -2.05 21.95 -4.37
N GLN C 726 -1.51 21.15 -5.28
CA GLN C 726 -0.10 20.80 -5.23
C GLN C 726 0.78 21.67 -6.10
N ARG C 727 0.26 22.18 -7.23
CA ARG C 727 1.08 22.96 -8.14
C ARG C 727 1.39 24.33 -7.56
N ARG C 728 0.36 25.14 -7.35
CA ARG C 728 0.53 26.25 -6.43
C ARG C 728 0.57 25.69 -5.01
N ALA C 729 1.21 26.45 -4.12
CA ALA C 729 1.24 26.17 -2.68
C ALA C 729 1.84 24.78 -2.42
N GLY C 730 3.14 24.68 -2.69
CA GLY C 730 3.86 23.47 -3.08
C GLY C 730 3.55 22.14 -2.42
N GLY C 731 2.99 22.15 -1.22
CA GLY C 731 2.56 20.93 -0.59
C GLY C 731 1.13 20.54 -0.84
N TYR C 732 0.40 20.22 0.24
CA TYR C 732 -0.71 19.28 0.12
C TYR C 732 -1.98 19.69 0.87
N SER C 733 -1.91 20.58 1.87
CA SER C 733 -3.05 21.07 2.65
C SER C 733 -3.79 19.97 3.40
N ARG C 734 -3.24 19.52 4.54
CA ARG C 734 -3.59 18.25 5.17
C ARG C 734 -5.01 18.18 5.70
N LYS C 735 -5.98 18.22 4.79
CA LYS C 735 -7.39 18.01 5.08
C LYS C 735 -7.94 16.80 4.37
N PHE C 736 -7.61 16.63 3.10
CA PHE C 736 -7.89 15.42 2.32
C PHE C 736 -6.70 14.49 2.27
N ALA C 737 -5.96 14.40 3.37
CA ALA C 737 -4.90 13.42 3.50
C ALA C 737 -5.43 12.04 3.87
N SER C 738 -6.72 11.90 4.12
CA SER C 738 -7.33 10.58 4.25
C SER C 738 -8.68 10.53 3.56
N LYS C 739 -8.94 11.42 2.60
CA LYS C 739 -10.24 11.44 1.94
C LYS C 739 -10.36 10.29 0.94
N SER C 740 -9.30 10.04 0.19
CA SER C 740 -9.36 9.03 -0.86
C SER C 740 -9.36 7.62 -0.27
N ARG C 741 -8.61 7.41 0.82
CA ARG C 741 -8.63 6.11 1.48
C ARG C 741 -9.98 5.84 2.11
N ASN C 742 -10.64 6.86 2.65
CA ASN C 742 -11.95 6.66 3.25
C ASN C 742 -13.00 6.41 2.18
N LEU C 743 -12.89 7.07 1.03
CA LEU C 743 -13.82 6.80 -0.06
C LEU C 743 -13.62 5.40 -0.63
N ALA C 744 -12.36 5.01 -0.81
CA ALA C 744 -12.04 3.67 -1.31
C ALA C 744 -12.51 2.60 -0.35
N ASP C 745 -12.34 2.84 0.96
CA ASP C 745 -12.78 1.88 1.96
C ASP C 745 -14.30 1.78 2.00
N ASP C 746 -14.99 2.91 1.87
CA ASP C 746 -16.46 2.87 1.87
C ASP C 746 -16.98 2.15 0.64
N MET C 747 -16.33 2.33 -0.52
CA MET C 747 -16.75 1.62 -1.71
C MET C 747 -16.48 0.13 -1.60
N VAL C 748 -15.30 -0.25 -1.09
CA VAL C 748 -14.94 -1.66 -0.96
C VAL C 748 -15.89 -2.37 -0.01
N ARG C 749 -16.24 -1.72 1.09
CA ARG C 749 -17.08 -2.40 2.07
C ARG C 749 -18.55 -2.42 1.65
N ASN C 750 -19.04 -1.35 0.99
CA ASN C 750 -20.40 -1.39 0.47
C ASN C 750 -20.55 -2.40 -0.66
N SER C 751 -19.56 -2.47 -1.56
CA SER C 751 -19.63 -3.44 -2.64
C SER C 751 -19.46 -4.86 -2.13
N ALA C 752 -18.66 -5.06 -1.09
CA ALA C 752 -18.54 -6.39 -0.48
C ALA C 752 -19.85 -6.80 0.18
N ARG C 753 -20.54 -5.84 0.81
CA ARG C 753 -21.89 -6.08 1.32
C ARG C 753 -22.83 -6.51 0.21
N ASP C 754 -22.76 -5.83 -0.93
CA ASP C 754 -23.71 -6.13 -2.00
C ASP C 754 -23.42 -7.48 -2.66
N LEU C 755 -22.14 -7.81 -2.84
CA LEU C 755 -21.77 -9.13 -3.37
C LEU C 755 -22.19 -10.24 -2.43
N PHE C 756 -21.98 -10.04 -1.12
CA PHE C 756 -22.37 -11.03 -0.13
C PHE C 756 -23.89 -11.18 -0.06
N TYR C 757 -24.61 -10.07 -0.23
CA TYR C 757 -26.08 -10.11 -0.22
C TYR C 757 -26.61 -10.89 -1.40
N HIS C 758 -26.14 -10.56 -2.60
CA HIS C 758 -26.63 -11.26 -3.78
C HIS C 758 -26.16 -12.69 -3.86
N ALA C 759 -25.05 -13.02 -3.19
CA ALA C 759 -24.67 -14.42 -3.06
C ALA C 759 -25.64 -15.17 -2.17
N VAL C 760 -26.02 -14.58 -1.04
CA VAL C 760 -26.80 -15.33 -0.07
C VAL C 760 -28.27 -15.42 -0.47
N THR C 761 -28.88 -14.31 -0.88
CA THR C 761 -30.34 -14.33 -1.01
C THR C 761 -30.82 -15.01 -2.28
N HIS C 762 -29.97 -15.17 -3.29
CA HIS C 762 -30.33 -15.86 -4.50
C HIS C 762 -29.81 -17.29 -4.53
N ASP C 763 -29.28 -17.76 -3.39
CA ASP C 763 -28.73 -19.10 -3.19
C ASP C 763 -27.59 -19.37 -4.18
N ALA C 764 -26.59 -18.49 -4.10
CA ALA C 764 -25.59 -18.42 -5.15
C ALA C 764 -24.18 -18.51 -4.58
N VAL C 765 -23.22 -18.83 -5.47
CA VAL C 765 -21.80 -18.80 -5.14
C VAL C 765 -21.14 -17.79 -6.07
N LEU C 766 -20.37 -16.88 -5.49
CA LEU C 766 -19.65 -15.92 -6.30
C LEU C 766 -18.49 -16.60 -7.01
N VAL C 767 -18.23 -16.18 -8.23
CA VAL C 767 -17.17 -16.73 -9.06
C VAL C 767 -16.28 -15.57 -9.45
N PHE C 768 -15.08 -15.55 -8.90
CA PHE C 768 -14.11 -14.52 -9.20
C PHE C 768 -13.15 -15.02 -10.27
N ALA C 769 -12.30 -14.13 -10.74
CA ALA C 769 -11.25 -14.49 -11.67
C ALA C 769 -9.90 -14.43 -10.97
N ASN C 770 -8.99 -15.31 -11.39
CA ASN C 770 -7.67 -15.41 -10.77
C ASN C 770 -6.81 -14.22 -11.21
N LEU C 771 -7.00 -13.10 -10.51
CA LEU C 771 -6.28 -11.89 -10.90
C LEU C 771 -4.85 -11.82 -10.40
N SER C 772 -4.37 -12.83 -9.65
CA SER C 772 -2.97 -12.91 -9.19
C SER C 772 -2.55 -11.72 -8.35
N ARG C 773 -2.99 -11.70 -7.07
CA ARG C 773 -2.95 -10.61 -6.10
C ARG C 773 -1.71 -9.72 -6.13
N GLY C 774 -1.93 -8.42 -6.02
CA GLY C 774 -0.98 -7.43 -6.46
C GLY C 774 -1.28 -6.88 -7.84
N PHE C 775 -2.47 -7.14 -8.36
CA PHE C 775 -2.81 -6.82 -9.73
C PHE C 775 -3.14 -5.35 -9.88
N GLY C 776 -2.47 -4.70 -10.81
CA GLY C 776 -2.74 -3.29 -11.07
C GLY C 776 -2.28 -2.92 -12.45
N ARG C 777 -2.72 -1.75 -12.89
CA ARG C 777 -2.40 -1.33 -14.25
C ARG C 777 -0.94 -0.89 -14.37
N GLN C 778 -0.46 -0.10 -13.39
CA GLN C 778 0.95 0.22 -13.17
C GLN C 778 1.57 0.91 -14.39
N GLY C 779 1.10 2.12 -14.63
CA GLY C 779 1.58 2.90 -15.75
C GLY C 779 2.07 4.28 -15.38
N LYS C 780 1.58 5.29 -16.09
CA LYS C 780 1.96 6.68 -15.82
C LYS C 780 0.92 7.43 -15.02
N ARG C 781 -0.34 7.43 -15.42
CA ARG C 781 -1.38 8.13 -14.69
C ARG C 781 -2.21 7.17 -13.86
N THR C 782 -1.55 6.18 -13.26
CA THR C 782 -2.19 5.03 -12.63
C THR C 782 -2.04 5.15 -11.12
N PHE C 783 -3.05 5.71 -10.48
CA PHE C 783 -2.99 5.97 -9.06
C PHE C 783 -3.24 4.68 -8.29
N MET C 784 -2.72 4.63 -7.06
CA MET C 784 -2.90 3.45 -6.23
C MET C 784 -4.29 3.36 -5.64
N THR C 785 -5.12 4.37 -5.82
CA THR C 785 -6.42 4.41 -5.18
C THR C 785 -7.47 3.64 -5.95
N GLU C 786 -7.24 3.39 -7.25
CA GLU C 786 -8.16 2.57 -8.04
C GLU C 786 -7.66 1.15 -8.24
N ARG C 787 -6.47 0.83 -7.73
CA ARG C 787 -6.00 -0.56 -7.72
C ARG C 787 -6.69 -1.26 -6.55
N GLN C 788 -7.84 -1.87 -6.85
CA GLN C 788 -8.62 -2.53 -5.81
C GLN C 788 -9.22 -3.83 -6.30
N TYR C 789 -8.53 -4.52 -7.20
CA TYR C 789 -8.99 -5.83 -7.61
C TYR C 789 -8.74 -6.88 -6.55
N THR C 790 -7.75 -6.67 -5.69
CA THR C 790 -7.50 -7.57 -4.58
C THR C 790 -8.26 -7.21 -3.33
N LYS C 791 -8.57 -5.92 -3.15
CA LYS C 791 -9.17 -5.47 -1.90
C LYS C 791 -10.61 -5.94 -1.77
N MET C 792 -11.35 -6.03 -2.87
CA MET C 792 -12.72 -6.52 -2.80
C MET C 792 -12.77 -8.00 -2.43
N GLU C 793 -11.87 -8.80 -3.01
CA GLU C 793 -11.78 -10.21 -2.65
C GLU C 793 -11.32 -10.38 -1.21
N ASP C 794 -10.37 -9.55 -0.76
CA ASP C 794 -9.90 -9.61 0.62
C ASP C 794 -11.02 -9.29 1.60
N TRP C 795 -11.79 -8.24 1.33
CA TRP C 795 -12.86 -7.87 2.24
C TRP C 795 -14.01 -8.86 2.19
N LEU C 796 -14.23 -9.49 1.04
CA LEU C 796 -15.30 -10.47 0.95
C LEU C 796 -14.92 -11.76 1.66
N THR C 797 -13.65 -12.16 1.58
CA THR C 797 -13.20 -13.29 2.38
C THR C 797 -13.20 -12.97 3.86
N ALA C 798 -12.85 -11.74 4.23
CA ALA C 798 -12.83 -11.35 5.63
C ALA C 798 -14.23 -11.33 6.22
N LYS C 799 -15.23 -10.91 5.45
CA LYS C 799 -16.60 -11.08 5.89
C LYS C 799 -17.10 -12.50 5.73
N LEU C 800 -16.38 -13.35 5.00
CA LEU C 800 -16.75 -14.75 4.93
C LEU C 800 -16.00 -15.61 5.92
N ALA C 801 -14.77 -15.25 6.27
CA ALA C 801 -14.04 -15.99 7.31
C ALA C 801 -14.68 -15.77 8.67
N TYR C 802 -14.95 -14.52 9.00
CA TYR C 802 -15.90 -14.22 10.07
C TYR C 802 -17.27 -14.74 9.66
N GLU C 803 -18.10 -15.03 10.66
CA GLU C 803 -19.36 -15.77 10.50
C GLU C 803 -19.13 -17.11 9.80
N GLY C 804 -18.04 -17.77 10.15
CA GLY C 804 -17.92 -19.20 9.94
C GLY C 804 -17.28 -19.72 8.67
N LEU C 805 -17.77 -19.30 7.51
CA LEU C 805 -17.59 -20.03 6.27
C LEU C 805 -16.15 -19.93 5.75
N THR C 806 -15.87 -20.72 4.72
CA THR C 806 -14.58 -20.76 4.06
C THR C 806 -14.72 -20.25 2.63
N SER C 807 -13.62 -20.35 1.87
CA SER C 807 -13.67 -20.08 0.45
C SER C 807 -13.91 -21.36 -0.35
N LYS C 808 -14.93 -22.11 0.06
CA LYS C 808 -15.33 -23.32 -0.66
C LYS C 808 -16.84 -23.49 -0.67
N THR C 809 -17.60 -22.52 -0.18
CA THR C 809 -19.05 -22.60 -0.17
C THR C 809 -19.75 -21.40 -0.79
N TYR C 810 -19.20 -20.19 -0.68
CA TYR C 810 -19.79 -19.01 -1.30
C TYR C 810 -18.81 -18.23 -2.15
N LEU C 811 -17.54 -18.61 -2.19
CA LEU C 811 -16.56 -17.92 -3.02
C LEU C 811 -15.74 -18.96 -3.76
N SER C 812 -15.76 -18.90 -5.09
CA SER C 812 -14.94 -19.74 -5.94
C SER C 812 -14.13 -18.86 -6.86
N LYS C 813 -13.08 -19.43 -7.45
CA LYS C 813 -12.21 -18.67 -8.33
C LYS C 813 -11.91 -19.50 -9.56
N THR C 814 -12.08 -18.92 -10.74
CA THR C 814 -11.77 -19.60 -11.98
C THR C 814 -10.70 -18.82 -12.74
N LEU C 815 -10.24 -19.43 -13.83
CA LEU C 815 -9.21 -18.82 -14.66
C LEU C 815 -9.78 -17.68 -15.48
N ALA C 816 -8.99 -16.63 -15.65
CA ALA C 816 -9.39 -15.44 -16.40
C ALA C 816 -8.90 -15.48 -17.84
N GLN C 817 -8.54 -16.65 -18.34
CA GLN C 817 -8.06 -16.74 -19.71
C GLN C 817 -9.20 -16.54 -20.68
N TYR C 818 -9.06 -15.55 -21.56
CA TYR C 818 -9.90 -15.28 -22.73
C TYR C 818 -11.32 -14.92 -22.38
N THR C 819 -11.62 -14.65 -21.12
CA THR C 819 -12.85 -13.95 -20.78
C THR C 819 -12.73 -12.49 -21.22
N SER C 820 -13.87 -11.81 -21.29
CA SER C 820 -14.03 -10.47 -21.86
C SER C 820 -13.56 -10.38 -23.31
N LYS C 821 -13.47 -11.51 -24.01
CA LYS C 821 -12.96 -11.56 -25.36
C LYS C 821 -13.79 -12.41 -26.31
N THR C 822 -14.57 -13.36 -25.83
CA THR C 822 -15.37 -14.22 -26.67
C THR C 822 -16.83 -13.79 -26.61
N CYS C 823 -17.43 -13.57 -27.77
CA CYS C 823 -18.81 -13.13 -27.84
C CYS C 823 -19.74 -14.23 -27.37
N SER C 824 -20.84 -13.83 -26.74
CA SER C 824 -21.78 -14.76 -26.13
C SER C 824 -22.67 -15.47 -27.13
N ASN C 825 -22.48 -15.24 -28.44
CA ASN C 825 -23.14 -16.02 -29.48
C ASN C 825 -22.16 -16.44 -30.57
N CYS C 826 -20.86 -16.37 -30.29
CA CYS C 826 -19.80 -16.56 -31.27
C CYS C 826 -18.61 -17.17 -30.55
N GLY C 827 -17.45 -17.12 -31.19
CA GLY C 827 -16.22 -17.53 -30.54
C GLY C 827 -15.46 -16.36 -29.95
N UNK C 829 -10.22 -14.12 -30.55
CA UNK C 829 -8.88 -14.62 -30.24
C UNK C 829 -7.87 -13.49 -30.28
N UNK C 830 -6.59 -13.84 -30.20
CA UNK C 830 -5.53 -12.83 -30.19
C UNK C 830 -4.50 -13.05 -31.29
N UNK C 831 -4.70 -14.08 -32.09
CA UNK C 831 -3.81 -14.36 -33.20
C UNK C 831 -4.41 -13.83 -34.50
N UNK C 832 -4.54 -12.52 -34.58
CA UNK C 832 -5.06 -11.85 -35.77
C UNK C 832 -4.04 -11.95 -36.90
N UNK C 833 -4.27 -12.89 -37.80
CA UNK C 833 -3.34 -13.14 -38.90
C UNK C 833 -3.44 -12.04 -39.95
N UNK C 834 -2.31 -11.39 -40.22
CA UNK C 834 -2.24 -10.37 -41.26
C UNK C 834 -1.61 -10.97 -42.51
N UNK C 835 -1.42 -12.29 -42.49
CA UNK C 835 -0.83 -13.02 -43.61
C UNK C 835 -1.83 -13.14 -44.75
N UNK C 836 -3.11 -13.01 -44.42
CA UNK C 836 -4.14 -12.93 -45.44
C UNK C 836 -4.02 -11.59 -46.15
N UNK C 837 -4.36 -11.57 -47.43
CA UNK C 837 -4.25 -10.36 -48.23
C UNK C 837 -5.37 -9.39 -47.89
N UNK C 842 -3.96 -5.84 -49.46
CA UNK C 842 -3.53 -4.51 -49.05
C UNK C 842 -4.51 -3.45 -49.54
N UNK C 843 -5.55 -3.90 -50.24
CA UNK C 843 -6.57 -3.00 -50.78
C UNK C 843 -7.52 -2.56 -49.68
N UNK C 860 -7.18 -6.68 -48.25
CA UNK C 860 -8.40 -6.90 -47.48
C UNK C 860 -8.48 -8.35 -47.05
N UNK C 861 -8.21 -8.59 -45.77
CA UNK C 861 -8.25 -9.94 -45.20
C UNK C 861 -9.69 -10.42 -45.07
N UNK C 862 -9.89 -11.74 -45.12
CA UNK C 862 -11.23 -12.31 -45.05
C UNK C 862 -11.42 -13.12 -43.78
N UNK C 863 -10.35 -13.26 -43.00
CA UNK C 863 -10.31 -13.96 -41.72
C UNK C 863 -10.73 -15.44 -41.80
N UNK C 864 -10.95 -16.03 -40.63
CA UNK C 864 -11.32 -17.45 -40.55
C UNK C 864 -12.82 -17.59 -40.60
N UNK C 865 -13.50 -16.83 -39.75
CA UNK C 865 -14.95 -16.84 -39.72
C UNK C 865 -15.50 -16.09 -40.94
N UNK C 866 -15.93 -16.87 -41.94
CA UNK C 866 -16.51 -16.39 -43.19
C UNK C 866 -15.61 -15.43 -43.96
N UNK C 867 -16.16 -14.29 -44.38
CA UNK C 867 -15.41 -13.32 -45.17
C UNK C 867 -15.58 -11.91 -44.60
N UNK C 868 -14.55 -11.07 -44.77
CA UNK C 868 -14.59 -9.72 -44.25
C UNK C 868 -14.45 -8.69 -45.35
N UNK C 869 -13.96 -7.50 -44.97
CA UNK C 869 -13.77 -6.41 -45.92
C UNK C 869 -12.61 -5.53 -45.48
N UNK C 870 -12.51 -4.35 -46.10
CA UNK C 870 -11.51 -3.36 -45.71
C UNK C 870 -12.24 -2.08 -45.30
N UNK C 871 -11.75 -0.94 -45.80
CA UNK C 871 -12.33 0.39 -45.57
C UNK C 871 -12.48 0.72 -44.08
N UNK C 872 -11.40 1.23 -43.50
CA UNK C 872 -11.33 1.38 -42.06
C UNK C 872 -11.64 2.80 -41.56
N UNK C 873 -11.30 3.04 -40.30
CA UNK C 873 -11.43 4.35 -39.65
C UNK C 873 -10.62 4.36 -38.36
N UNK C 874 -9.33 4.64 -38.46
CA UNK C 874 -8.46 4.64 -37.28
C UNK C 874 -8.42 6.00 -36.61
N UNK C 875 -8.78 6.04 -35.33
CA UNK C 875 -8.84 7.30 -34.58
C UNK C 875 -7.67 7.43 -33.60
N UNK C 876 -6.45 7.48 -34.13
CA UNK C 876 -5.27 7.66 -33.30
C UNK C 876 -5.09 9.14 -32.98
N UNK C 877 -4.96 9.47 -31.69
CA UNK C 877 -4.92 10.87 -31.27
C UNK C 877 -3.63 11.26 -30.57
N UNK C 878 -3.75 11.69 -29.31
CA UNK C 878 -2.67 12.21 -28.46
C UNK C 878 -1.92 13.41 -29.07
N UNK C 879 -2.61 14.14 -29.94
CA UNK C 879 -2.08 15.33 -30.61
C UNK C 879 -3.25 16.11 -31.19
N UNK C 880 -3.53 15.86 -32.47
CA UNK C 880 -4.67 16.46 -33.17
C UNK C 880 -4.99 15.65 -34.42
N UNK C 881 -5.05 14.32 -34.29
CA UNK C 881 -5.13 13.44 -35.46
C UNK C 881 -6.33 12.49 -35.51
N UNK C 882 -6.64 12.08 -36.73
CA UNK C 882 -7.67 11.09 -37.03
C UNK C 882 -7.38 10.55 -38.43
N UNK C 883 -7.83 9.34 -38.75
CA UNK C 883 -7.52 8.76 -40.06
C UNK C 883 -8.60 7.81 -40.58
N UNK C 884 -8.59 7.59 -41.89
CA UNK C 884 -9.53 6.68 -42.53
C UNK C 884 -8.88 5.32 -42.80
N UNK C 885 -7.56 5.27 -42.58
CA UNK C 885 -6.77 4.03 -42.54
C UNK C 885 -6.89 3.08 -43.74
N UNK C 886 -6.85 3.63 -44.93
CA UNK C 886 -6.86 2.84 -46.15
C UNK C 886 -5.87 3.45 -47.12
N UNK C 887 -5.87 4.77 -47.18
CA UNK C 887 -4.90 5.51 -47.99
C UNK C 887 -3.53 5.39 -47.37
N UNK C 888 -3.49 5.47 -46.04
CA UNK C 888 -2.26 5.26 -45.29
C UNK C 888 -1.82 3.80 -45.40
N UNK C 889 -2.79 2.91 -45.47
CA UNK C 889 -2.54 1.48 -45.67
C UNK C 889 -1.91 1.21 -47.03
N UNK C 890 -2.39 1.91 -48.06
CA UNK C 890 -1.85 1.77 -49.41
C UNK C 890 -0.48 2.44 -49.52
N UNK C 891 -0.28 3.50 -48.73
CA UNK C 891 1.00 4.20 -48.70
C UNK C 891 2.08 3.37 -48.00
N UNK C 892 1.66 2.61 -46.99
CA UNK C 892 2.58 1.74 -46.26
C UNK C 892 2.65 0.35 -46.89
N UNK C 893 1.79 0.10 -47.86
CA UNK C 893 1.75 -1.19 -48.53
C UNK C 893 2.71 -1.23 -49.72
N UNK C 894 3.23 -0.05 -50.08
CA UNK C 894 4.14 0.16 -51.21
C UNK C 894 3.60 -0.39 -52.53
N UNK C 895 3.97 -1.63 -52.83
CA UNK C 895 3.54 -2.29 -54.06
C UNK C 895 3.62 -3.80 -53.94
N UNK C 896 4.81 -4.30 -53.61
CA UNK C 896 5.08 -5.73 -53.62
C UNK C 896 4.59 -6.45 -52.37
N UNK C 897 4.06 -5.69 -51.40
CA UNK C 897 3.41 -6.19 -50.17
C UNK C 897 4.26 -7.03 -49.20
N UNK C 898 5.17 -7.86 -49.69
CA UNK C 898 6.06 -8.64 -48.83
C UNK C 898 7.05 -7.73 -48.11
N UNK C 899 7.66 -6.82 -48.87
CA UNK C 899 8.59 -5.84 -48.32
C UNK C 899 7.88 -4.87 -47.39
N UNK C 900 6.62 -4.60 -47.72
CA UNK C 900 5.72 -3.82 -46.89
C UNK C 900 5.55 -4.50 -45.54
N UNK C 901 4.99 -5.71 -45.55
CA UNK C 901 4.73 -6.49 -44.33
C UNK C 901 6.00 -6.82 -43.53
N UNK C 902 7.14 -6.84 -44.19
CA UNK C 902 8.42 -6.92 -43.48
C UNK C 902 8.75 -5.59 -42.80
N UNK C 903 8.44 -4.48 -43.47
CA UNK C 903 8.80 -3.17 -42.96
C UNK C 903 7.63 -2.36 -42.40
N UNK C 904 6.52 -3.01 -42.09
CA UNK C 904 5.39 -2.28 -41.52
C UNK C 904 4.95 -2.76 -40.14
N UNK C 905 4.65 -1.77 -39.31
CA UNK C 905 3.88 -2.00 -38.10
C UNK C 905 2.47 -1.48 -38.40
N UNK C 906 2.01 -1.77 -39.62
CA UNK C 906 0.71 -1.35 -40.10
C UNK C 906 -0.35 -2.41 -39.80
N UNK C 907 0.05 -3.42 -39.02
CA UNK C 907 -0.89 -4.37 -38.46
C UNK C 907 -1.60 -3.72 -37.28
N UNK C 908 -0.98 -2.66 -36.75
CA UNK C 908 -1.58 -1.85 -35.71
C UNK C 908 -2.85 -1.15 -36.19
N UNK C 909 -2.91 -0.82 -37.47
CA UNK C 909 -4.11 -0.23 -38.06
C UNK C 909 -5.29 -1.19 -38.00
N UNK C 910 -5.04 -2.43 -38.41
CA UNK C 910 -6.06 -3.48 -38.39
C UNK C 910 -6.42 -3.84 -36.95
N UNK C 911 -5.43 -3.80 -36.06
CA UNK C 911 -5.66 -4.15 -34.67
C UNK C 911 -6.25 -2.98 -33.88
N UNK C 912 -6.33 -1.81 -34.51
CA UNK C 912 -6.98 -0.68 -33.88
C UNK C 912 -8.38 -0.48 -34.44
N ARG C 913 -8.61 -0.92 -35.67
CA ARG C 913 -9.95 -0.82 -36.26
C ARG C 913 -10.78 -2.07 -36.03
N PHE C 914 -10.29 -3.20 -36.53
CA PHE C 914 -11.01 -4.48 -36.49
C PHE C 914 -11.07 -5.10 -35.11
N SER C 915 -10.48 -4.47 -34.09
CA SER C 915 -10.46 -5.07 -32.77
C SER C 915 -11.82 -5.02 -32.12
N HIS C 916 -12.07 -5.99 -31.26
CA HIS C 916 -13.12 -5.85 -30.27
C HIS C 916 -12.78 -4.71 -29.32
N ARG C 917 -13.83 -4.14 -28.72
CA ARG C 917 -13.77 -3.03 -27.77
C ARG C 917 -13.04 -1.82 -28.34
N PRO C 918 -13.64 -1.08 -29.29
CA PRO C 918 -12.96 0.10 -29.83
C PRO C 918 -12.84 1.22 -28.80
N VAL C 919 -13.96 1.58 -28.20
CA VAL C 919 -13.98 2.41 -27.00
C VAL C 919 -13.90 1.47 -25.80
N GLN C 920 -13.21 1.88 -24.75
CA GLN C 920 -12.98 1.00 -23.59
C GLN C 920 -14.18 0.96 -22.63
N GLU C 921 -15.38 0.80 -23.21
CA GLU C 921 -16.51 0.21 -22.54
C GLU C 921 -17.09 -0.94 -23.36
N GLN C 922 -17.44 -0.69 -24.61
CA GLN C 922 -18.35 -1.54 -25.38
C GLN C 922 -17.63 -2.76 -25.94
N PHE C 923 -18.29 -3.48 -26.85
CA PHE C 923 -17.72 -4.66 -27.46
C PHE C 923 -18.32 -4.82 -28.85
N VAL C 924 -17.49 -5.23 -29.80
CA VAL C 924 -17.96 -5.61 -31.13
C VAL C 924 -17.32 -6.94 -31.53
N CYS C 925 -18.16 -7.88 -31.93
CA CYS C 925 -17.68 -9.18 -32.38
C CYS C 925 -17.18 -9.07 -33.82
N LEU C 926 -16.62 -10.16 -34.33
CA LEU C 926 -16.12 -10.20 -35.69
C LEU C 926 -16.84 -11.22 -36.55
N ASP C 927 -17.78 -11.96 -35.98
CA ASP C 927 -18.65 -12.84 -36.74
C ASP C 927 -20.12 -12.70 -36.37
N CYS C 928 -20.44 -12.19 -35.19
CA CYS C 928 -21.81 -11.93 -34.78
C CYS C 928 -22.30 -10.57 -35.25
N GLY C 929 -21.44 -9.56 -35.23
CA GLY C 929 -21.89 -8.19 -35.39
C GLY C 929 -22.71 -7.77 -34.20
N HIS C 930 -22.19 -8.02 -33.01
CA HIS C 930 -22.94 -7.89 -31.76
C HIS C 930 -22.33 -6.80 -30.91
N GLU C 931 -23.18 -6.04 -30.23
CA GLU C 931 -22.76 -4.99 -29.31
C GLU C 931 -23.23 -5.34 -27.90
N VAL C 932 -22.27 -5.54 -26.99
CA VAL C 932 -22.58 -5.80 -25.59
C VAL C 932 -21.68 -4.88 -24.79
N HIS C 933 -22.02 -4.68 -23.51
CA HIS C 933 -21.31 -3.78 -22.61
C HIS C 933 -19.89 -4.24 -22.26
N ALA C 934 -19.51 -5.48 -22.59
CA ALA C 934 -18.20 -6.09 -22.32
C ALA C 934 -17.85 -6.15 -20.84
N ALA C 935 -18.82 -5.99 -19.98
CA ALA C 935 -18.74 -6.21 -18.55
C ALA C 935 -19.86 -7.10 -18.07
N GLU C 936 -21.07 -6.95 -18.62
CA GLU C 936 -22.06 -8.02 -18.49
C GLU C 936 -21.63 -9.22 -19.30
N GLN C 937 -21.06 -8.97 -20.47
CA GLN C 937 -20.52 -10.04 -21.30
C GLN C 937 -19.26 -10.64 -20.71
N ALA C 938 -18.50 -9.87 -19.93
CA ALA C 938 -17.37 -10.43 -19.21
C ALA C 938 -17.83 -11.28 -18.04
N ALA C 939 -18.90 -10.84 -17.38
CA ALA C 939 -19.45 -11.57 -16.25
C ALA C 939 -20.05 -12.90 -16.67
N LEU C 940 -20.74 -12.94 -17.82
CA LEU C 940 -21.28 -14.19 -18.30
C LEU C 940 -20.17 -15.13 -18.74
N ASN C 941 -19.07 -14.58 -19.26
CA ASN C 941 -17.92 -15.41 -19.61
C ASN C 941 -17.22 -15.97 -18.37
N ILE C 942 -17.19 -15.22 -17.28
CA ILE C 942 -16.60 -15.73 -16.05
C ILE C 942 -17.47 -16.85 -15.46
N ALA C 943 -18.78 -16.61 -15.40
CA ALA C 943 -19.70 -17.59 -14.85
C ALA C 943 -19.82 -18.82 -15.73
N ARG C 944 -19.47 -18.74 -17.02
CA ARG C 944 -19.43 -19.94 -17.83
C ARG C 944 -18.04 -20.55 -17.92
N SER C 945 -16.99 -19.77 -17.66
CA SER C 945 -15.64 -20.32 -17.61
C SER C 945 -15.48 -21.24 -16.40
N TRP C 946 -16.07 -20.86 -15.27
CA TRP C 946 -16.05 -21.78 -14.13
C TRP C 946 -16.91 -23.01 -14.40
N LEU C 947 -18.00 -22.84 -15.15
CA LEU C 947 -18.83 -23.98 -15.50
C LEU C 947 -18.14 -24.88 -16.51
N PHE C 948 -17.17 -24.35 -17.25
CA PHE C 948 -16.35 -25.17 -18.13
C PHE C 948 -15.23 -25.88 -17.40
N LEU C 949 -14.60 -25.24 -16.42
CA LEU C 949 -13.43 -25.83 -15.75
C LEU C 949 -13.76 -27.09 -14.97
N ASN C 950 -14.64 -27.00 -13.97
CA ASN C 950 -15.00 -28.20 -13.24
C ASN C 950 -16.37 -28.73 -13.68
N SER C 951 -16.39 -29.17 -14.94
CA SER C 951 -17.46 -30.02 -15.44
C SER C 951 -16.84 -30.87 -16.55
N ASN C 952 -16.57 -32.14 -16.24
CA ASN C 952 -15.92 -33.03 -17.17
C ASN C 952 -16.90 -33.49 -18.24
N SER C 953 -17.09 -32.71 -19.31
CA SER C 953 -18.07 -33.16 -20.29
C SER C 953 -17.42 -33.94 -21.44
N THR C 954 -16.68 -33.27 -22.31
CA THR C 954 -15.83 -33.96 -23.26
C THR C 954 -14.52 -33.20 -23.44
N GLU C 955 -14.58 -31.88 -23.31
CA GLU C 955 -13.51 -31.03 -23.77
C GLU C 955 -12.58 -30.60 -22.65
N PHE C 956 -12.98 -30.77 -21.40
CA PHE C 956 -12.03 -30.64 -20.31
C PHE C 956 -11.19 -31.91 -20.13
N LYS C 957 -11.58 -33.01 -20.78
CA LYS C 957 -10.63 -34.11 -20.96
C LYS C 957 -9.47 -33.65 -21.83
N SER C 958 -9.76 -32.88 -22.88
CA SER C 958 -8.72 -32.14 -23.57
C SER C 958 -8.25 -30.99 -22.69
N TYR C 959 -7.02 -30.52 -22.97
CA TYR C 959 -6.25 -29.48 -22.27
C TYR C 959 -5.73 -29.96 -20.92
N LYS C 960 -6.20 -31.12 -20.46
CA LYS C 960 -5.54 -31.82 -19.36
C LYS C 960 -4.67 -32.96 -19.86
N SER C 961 -5.05 -33.56 -20.98
CA SER C 961 -4.19 -34.50 -21.69
C SER C 961 -3.18 -33.79 -22.59
N GLY C 962 -3.27 -32.46 -22.70
CA GLY C 962 -2.35 -31.74 -23.55
C GLY C 962 -2.63 -31.86 -25.04
N LYS C 963 -3.87 -32.16 -25.41
CA LYS C 963 -4.21 -32.25 -26.83
C LYS C 963 -4.18 -30.88 -27.48
N GLN C 964 -5.04 -29.97 -27.04
CA GLN C 964 -5.22 -28.64 -27.57
C GLN C 964 -4.71 -27.61 -26.57
N PRO C 965 -4.56 -26.36 -26.98
CA PRO C 965 -4.46 -25.27 -26.00
C PRO C 965 -5.82 -24.96 -25.41
N PHE C 966 -5.85 -23.92 -24.56
CA PHE C 966 -7.09 -23.58 -23.88
C PHE C 966 -8.10 -22.95 -24.83
N VAL C 967 -7.63 -22.28 -25.89
CA VAL C 967 -8.49 -21.44 -26.71
C VAL C 967 -9.43 -22.29 -27.54
N GLY C 968 -8.87 -23.25 -28.28
CA GLY C 968 -9.68 -24.11 -29.12
C GLY C 968 -10.58 -25.02 -28.31
N ALA C 969 -10.11 -25.47 -27.15
CA ALA C 969 -10.93 -26.30 -26.28
C ALA C 969 -12.11 -25.52 -25.71
N TRP C 970 -11.87 -24.27 -25.33
CA TRP C 970 -12.96 -23.46 -24.80
C TRP C 970 -13.94 -23.04 -25.89
N GLN C 971 -13.44 -22.77 -27.11
CA GLN C 971 -14.36 -22.48 -28.20
C GLN C 971 -15.20 -23.70 -28.56
N ALA C 972 -14.58 -24.89 -28.53
CA ALA C 972 -15.31 -26.12 -28.82
C ALA C 972 -16.30 -26.45 -27.72
N PHE C 973 -16.03 -26.06 -26.48
CA PHE C 973 -17.03 -26.19 -25.43
C PHE C 973 -18.15 -25.18 -25.63
N TYR C 974 -17.78 -23.94 -25.95
CA TYR C 974 -18.73 -22.84 -25.93
C TYR C 974 -19.74 -22.97 -27.05
N LYS C 975 -19.28 -23.15 -28.28
CA LYS C 975 -20.24 -23.17 -29.39
C LYS C 975 -20.99 -24.50 -29.46
N ARG C 976 -20.48 -25.54 -28.81
CA ARG C 976 -21.30 -26.74 -28.64
C ARG C 976 -22.39 -26.50 -27.62
N ARG C 977 -22.08 -25.80 -26.54
CA ARG C 977 -23.08 -25.55 -25.52
C ARG C 977 -23.98 -24.37 -25.87
N LEU C 978 -23.52 -23.47 -26.74
CA LEU C 978 -24.35 -22.34 -27.16
C LEU C 978 -25.55 -22.80 -27.98
N LYS C 979 -25.37 -23.85 -28.79
CA LYS C 979 -26.48 -24.42 -29.53
C LYS C 979 -27.25 -25.45 -28.72
N GLU C 980 -26.63 -26.03 -27.69
CA GLU C 980 -27.30 -27.06 -26.92
C GLU C 980 -28.19 -26.44 -25.84
N VAL C 981 -27.59 -25.71 -24.90
CA VAL C 981 -28.35 -25.18 -23.77
C VAL C 981 -28.03 -23.71 -23.56
N TRP C 982 -27.39 -23.08 -24.56
CA TRP C 982 -27.07 -21.64 -24.59
C TRP C 982 -26.16 -21.24 -23.43
N LYS C 983 -25.04 -21.93 -23.30
CA LYS C 983 -24.13 -21.62 -22.22
C LYS C 983 -22.68 -21.87 -22.59
#